data_9UJI
#
_entry.id   9UJI
#
_cell.length_a   73.554
_cell.length_b   79.464
_cell.length_c   110.876
_cell.angle_alpha   90.000
_cell.angle_beta   94.602
_cell.angle_gamma   90.000
#
_symmetry.space_group_name_H-M   'P 1 21 1'
#
loop_
_entity.id
_entity.type
_entity.pdbx_description
1 polymer 'Kelch-like ECH-associated protein 1'
2 non-polymer '(13alpha,18alpha)-2-cyano-3-hydroxy-12-oxooleana-2,9(11)-dien-28-oic acid'
3 non-polymer 'CALCIUM ION'
#
_entity_poly.entity_id   1
_entity_poly.type   'polypeptide(L)'
_entity_poly.pdbx_seq_one_letter_code
;RTFSYTLEDHTKQAFGVMNELRLSQQLCDVTLQVKYEDIPAAQFMAHKVVLASSSPVFKAMFTNGLREQGMEVVSIEGIH
PKVMERLIEFAYTASISVGEKCVLHVMNGAVMYQIDSVVRACADFLVQQL
;
_entity_poly.pdbx_strand_id   A,B,C,D,E,F,G,H
#
loop_
_chem_comp.id
_chem_comp.type
_chem_comp.name
_chem_comp.formula
CA non-polymer 'CALCIUM ION' 'Ca 2'
SXJ non-polymer '(13alpha,18alpha)-2-cyano-3-hydroxy-12-oxooleana-2,9(11)-dien-28-oic acid' 'C31 H43 N O4'
#
# COMPACT_ATOMS: atom_id res chain seq x y z
N ARG A 1 30.98 39.37 10.17
CA ARG A 1 30.80 37.95 9.75
C ARG A 1 29.77 37.27 10.67
N THR A 2 29.27 36.13 10.18
CA THR A 2 28.30 35.33 10.91
C THR A 2 28.90 33.94 11.17
N PHE A 3 28.62 33.41 12.37
CA PHE A 3 28.88 32.03 12.73
C PHE A 3 27.64 31.18 12.52
N SER A 4 27.75 30.12 11.70
CA SER A 4 26.66 29.23 11.37
C SER A 4 27.09 27.79 11.64
N TYR A 5 26.21 27.01 12.24
CA TYR A 5 26.50 25.60 12.49
C TYR A 5 25.22 24.78 12.48
N THR A 6 25.24 23.68 11.71
CA THR A 6 24.24 22.65 11.82
C THR A 6 24.93 21.28 11.98
N LEU A 7 24.42 20.50 12.94
CA LEU A 7 24.86 19.13 13.20
C LEU A 7 23.94 18.19 12.45
N GLU A 8 24.44 17.56 11.39
CA GLU A 8 23.57 16.87 10.43
C GLU A 8 22.83 15.68 11.07
N ASP A 9 23.49 15.02 12.03
CA ASP A 9 23.01 13.81 12.68
C ASP A 9 22.19 14.12 13.95
N HIS A 10 21.96 15.40 14.25
CA HIS A 10 21.38 15.81 15.51
C HIS A 10 20.08 15.09 15.82
N THR A 11 19.16 15.06 14.84
CA THR A 11 17.81 14.55 15.06
C THR A 11 17.82 13.04 15.22
N LYS A 12 18.82 12.32 14.68
CA LYS A 12 18.94 10.88 14.96
C LYS A 12 19.45 10.62 16.38
N GLN A 13 20.47 11.37 16.80
CA GLN A 13 21.00 11.28 18.15
C GLN A 13 19.89 11.58 19.16
N ALA A 14 19.14 12.65 18.91
CA ALA A 14 18.15 13.09 19.87
C ALA A 14 17.00 12.08 19.98
N PHE A 15 16.56 11.50 18.85
CA PHE A 15 15.60 10.39 18.90
C PHE A 15 16.18 9.17 19.61
N GLY A 16 17.50 8.94 19.52
CA GLY A 16 18.14 7.85 20.25
C GLY A 16 18.01 8.01 21.77
N VAL A 17 18.28 9.20 22.29
CA VAL A 17 18.00 9.52 23.69
C VAL A 17 16.50 9.44 24.00
N MET A 18 15.62 9.99 23.16
CA MET A 18 14.19 10.01 23.51
C MET A 18 13.72 8.57 23.58
N ASN A 19 14.33 7.70 22.80
CA ASN A 19 13.91 6.31 22.76
C ASN A 19 14.41 5.61 24.02
N GLU A 20 15.62 5.94 24.47
CA GLU A 20 16.15 5.42 25.72
C GLU A 20 15.25 5.84 26.87
N LEU A 21 14.89 7.11 26.92
CA LEU A 21 13.94 7.57 27.93
C LEU A 21 12.65 6.74 27.88
N ARG A 22 12.16 6.42 26.67
CA ARG A 22 10.91 5.68 26.58
C ARG A 22 11.07 4.27 27.16
N LEU A 23 12.17 3.60 26.80
CA LEU A 23 12.46 2.25 27.29
C LEU A 23 12.75 2.23 28.80
N SER A 24 13.39 3.30 29.34
CA SER A 24 13.61 3.41 30.76
C SER A 24 12.34 3.88 31.50
N GLN A 25 11.28 4.19 30.73
CA GLN A 25 10.01 4.67 31.27
C GLN A 25 10.21 5.94 32.09
N GLN A 26 10.86 6.98 31.52
CA GLN A 26 11.08 8.25 32.22
C GLN A 26 10.55 9.41 31.37
N LEU A 27 10.04 10.42 32.06
CA LEU A 27 9.47 11.61 31.50
C LEU A 27 8.15 11.35 30.77
N CYS A 28 7.67 10.11 30.74
CA CYS A 28 6.51 9.77 29.94
C CYS A 28 5.29 10.53 30.48
N ASP A 29 4.44 11.05 29.59
CA ASP A 29 3.21 11.71 30.02
C ASP A 29 1.95 11.03 29.47
N VAL A 30 2.08 9.89 28.79
CA VAL A 30 0.90 9.17 28.35
C VAL A 30 1.14 7.69 28.55
N THR A 31 0.09 7.01 28.97
CA THR A 31 0.12 5.57 28.99
C THR A 31 -1.04 5.12 28.14
N LEU A 32 -0.72 4.43 27.06
CA LEU A 32 -1.74 3.83 26.24
C LEU A 32 -2.12 2.50 26.86
N GLN A 33 -3.44 2.34 27.04
CA GLN A 33 -4.04 1.08 27.45
C GLN A 33 -4.71 0.47 26.22
N VAL A 34 -4.11 -0.58 25.67
CA VAL A 34 -4.56 -1.17 24.44
C VAL A 34 -5.30 -2.46 24.79
N LYS A 35 -6.61 -2.47 24.52
CA LYS A 35 -7.49 -3.58 24.82
C LYS A 35 -7.78 -4.34 23.53
N TYR A 36 -7.75 -5.68 23.61
CA TYR A 36 -8.01 -6.53 22.45
C TYR A 36 -8.72 -7.80 22.93
N GLU A 37 -9.68 -8.29 22.12
CA GLU A 37 -10.63 -9.33 22.54
C GLU A 37 -9.93 -10.52 23.17
N ASP A 38 -10.37 -10.87 24.39
CA ASP A 38 -10.03 -12.10 25.08
C ASP A 38 -8.53 -12.11 25.43
N ILE A 39 -7.98 -10.90 25.61
CA ILE A 39 -6.62 -10.70 26.08
C ILE A 39 -6.68 -9.47 27.00
N PRO A 40 -5.98 -9.45 28.16
CA PRO A 40 -5.91 -8.25 28.98
C PRO A 40 -5.25 -7.09 28.22
N ALA A 41 -5.59 -5.89 28.66
CA ALA A 41 -4.99 -4.65 28.19
C ALA A 41 -3.48 -4.60 28.47
N ALA A 42 -2.73 -4.14 27.47
CA ALA A 42 -1.31 -3.88 27.54
C ALA A 42 -1.08 -2.38 27.60
N GLN A 43 -0.10 -2.00 28.40
CA GLN A 43 0.25 -0.61 28.61
C GLN A 43 1.53 -0.27 27.86
N PHE A 44 1.57 0.94 27.30
CA PHE A 44 2.73 1.47 26.58
C PHE A 44 2.91 2.92 27.03
N MET A 45 4.10 3.21 27.58
CA MET A 45 4.42 4.52 28.09
C MET A 45 5.19 5.22 26.99
N ALA A 46 4.83 6.49 26.75
CA ALA A 46 5.40 7.26 25.68
C ALA A 46 5.29 8.73 26.01
N HIS A 47 5.78 9.57 25.09
CA HIS A 47 5.83 11.02 25.24
C HIS A 47 4.91 11.56 24.16
N LYS A 48 3.96 12.39 24.56
CA LYS A 48 2.93 12.86 23.68
C LYS A 48 3.54 13.64 22.52
N VAL A 49 4.44 14.60 22.79
CA VAL A 49 5.12 15.34 21.73
C VAL A 49 5.65 14.36 20.70
N VAL A 50 6.21 13.24 21.16
CA VAL A 50 6.89 12.36 20.22
C VAL A 50 5.83 11.69 19.36
N LEU A 51 4.79 11.13 19.99
CA LEU A 51 3.73 10.48 19.21
C LEU A 51 3.08 11.46 18.24
N ALA A 52 2.90 12.73 18.67
CA ALA A 52 2.25 13.78 17.90
C ALA A 52 3.09 14.11 16.66
N SER A 53 4.42 14.04 16.83
CA SER A 53 5.37 14.39 15.78
C SER A 53 5.29 13.45 14.59
N SER A 54 4.77 12.23 14.78
CA SER A 54 4.82 11.13 13.81
C SER A 54 3.41 10.74 13.32
N SER A 55 2.36 11.22 13.99
CA SER A 55 1.00 10.77 13.74
C SER A 55 0.05 11.93 13.91
N PRO A 56 -0.63 12.43 12.86
CA PRO A 56 -1.64 13.48 13.04
C PRO A 56 -2.80 13.07 13.93
N VAL A 57 -3.02 11.76 14.06
CA VAL A 57 -4.12 11.25 14.87
C VAL A 57 -3.78 11.46 16.34
N PHE A 58 -2.59 11.00 16.72
CA PHE A 58 -2.03 11.30 18.03
C PHE A 58 -1.95 12.82 18.26
N LYS A 59 -1.48 13.55 17.28
CA LYS A 59 -1.39 15.01 17.42
C LYS A 59 -2.75 15.59 17.80
N ALA A 60 -3.79 15.26 17.01
CA ALA A 60 -5.14 15.77 17.26
C ALA A 60 -5.62 15.34 18.65
N MET A 61 -5.35 14.09 19.04
CA MET A 61 -5.85 13.49 20.29
C MET A 61 -5.29 14.17 21.55
N PHE A 62 -4.09 14.75 21.48
CA PHE A 62 -3.43 15.33 22.64
C PHE A 62 -3.50 16.85 22.64
N THR A 63 -3.87 17.48 21.52
CA THR A 63 -3.97 18.93 21.44
C THR A 63 -5.42 19.37 21.60
N ASN A 64 -6.36 18.43 21.50
CA ASN A 64 -7.76 18.69 21.77
C ASN A 64 -8.03 18.63 23.28
N GLY A 65 -9.03 19.40 23.72
CA GLY A 65 -9.39 19.47 25.13
C GLY A 65 -8.41 20.35 25.92
N LEU A 66 -8.25 20.02 27.20
CA LEU A 66 -7.50 20.82 28.16
C LEU A 66 -6.04 20.37 28.25
N ARG A 67 -5.13 21.33 28.53
CA ARG A 67 -3.74 21.05 28.90
C ARG A 67 -3.72 20.09 30.09
N GLU A 68 -3.64 18.79 29.80
CA GLU A 68 -3.74 17.74 30.80
C GLU A 68 -2.62 17.88 31.83
N GLN A 69 -2.94 17.63 33.10
CA GLN A 69 -1.97 17.70 34.18
C GLN A 69 -1.39 16.31 34.43
N GLY A 70 -0.18 16.05 33.89
CA GLY A 70 0.58 14.87 34.27
C GLY A 70 0.27 13.64 33.43
N MET A 71 0.35 12.45 34.03
CA MET A 71 0.16 11.23 33.25
C MET A 71 -1.31 11.05 32.85
N GLU A 72 -1.55 11.04 31.53
CA GLU A 72 -2.85 10.66 30.99
C GLU A 72 -2.86 9.18 30.66
N VAL A 73 -3.96 8.49 31.02
CA VAL A 73 -4.20 7.12 30.60
C VAL A 73 -5.26 7.17 29.51
N VAL A 74 -5.00 6.51 28.39
CA VAL A 74 -5.83 6.58 27.21
C VAL A 74 -6.18 5.15 26.78
N SER A 75 -7.50 4.89 26.73
CA SER A 75 -8.06 3.67 26.16
C SER A 75 -7.92 3.69 24.65
N ILE A 76 -7.45 2.57 24.12
CA ILE A 76 -7.37 2.34 22.70
C ILE A 76 -8.03 0.99 22.43
N GLU A 77 -8.83 0.95 21.33
CA GLU A 77 -9.50 -0.25 20.87
C GLU A 77 -9.25 -0.40 19.37
N GLY A 78 -9.29 -1.63 18.90
CA GLY A 78 -9.23 -1.88 17.47
C GLY A 78 -7.81 -2.08 16.97
N ILE A 79 -6.85 -2.42 17.85
CA ILE A 79 -5.47 -2.66 17.46
C ILE A 79 -4.83 -3.59 18.48
N HIS A 80 -4.25 -4.69 18.00
CA HIS A 80 -3.45 -5.53 18.86
C HIS A 80 -2.28 -4.73 19.45
N PRO A 81 -1.98 -4.91 20.75
CA PRO A 81 -0.79 -4.31 21.39
C PRO A 81 0.48 -4.35 20.55
N LYS A 82 0.74 -5.50 19.95
CA LYS A 82 2.00 -5.70 19.24
C LYS A 82 2.03 -4.84 17.98
N VAL A 83 0.86 -4.56 17.37
CA VAL A 83 0.82 -3.63 16.26
C VAL A 83 1.11 -2.23 16.78
N MET A 84 0.48 -1.84 17.90
CA MET A 84 0.77 -0.54 18.49
C MET A 84 2.24 -0.43 18.87
N GLU A 85 2.80 -1.50 19.42
CA GLU A 85 4.21 -1.50 19.81
C GLU A 85 5.10 -1.11 18.62
N ARG A 86 4.85 -1.70 17.46
CA ARG A 86 5.68 -1.50 16.30
C ARG A 86 5.49 -0.10 15.73
N LEU A 87 4.31 0.49 15.91
CA LEU A 87 4.05 1.84 15.43
C LEU A 87 4.76 2.83 16.33
N ILE A 88 4.69 2.62 17.65
CA ILE A 88 5.43 3.40 18.61
C ILE A 88 6.93 3.26 18.35
N GLU A 89 7.42 2.03 18.15
CA GLU A 89 8.83 1.89 17.83
C GLU A 89 9.20 2.70 16.59
N PHE A 90 8.29 2.69 15.60
CA PHE A 90 8.58 3.40 14.37
C PHE A 90 8.66 4.90 14.68
N ALA A 91 7.70 5.43 15.46
CA ALA A 91 7.73 6.84 15.81
C ALA A 91 9.06 7.24 16.42
N TYR A 92 9.60 6.35 17.25
CA TYR A 92 10.80 6.69 18.00
C TYR A 92 12.11 6.28 17.31
N THR A 93 12.11 5.44 16.26
CA THR A 93 13.36 4.96 15.66
C THR A 93 13.43 5.12 14.14
N ALA A 94 12.33 5.44 13.49
CA ALA A 94 12.23 5.48 12.03
C ALA A 94 12.15 4.11 11.36
N SER A 95 12.10 3.00 12.12
CA SER A 95 12.20 1.66 11.56
C SER A 95 11.12 0.77 12.13
N ILE A 96 10.64 -0.15 11.30
CA ILE A 96 9.62 -1.10 11.71
C ILE A 96 10.05 -2.41 11.07
N SER A 97 9.83 -3.50 11.78
CA SER A 97 10.16 -4.81 11.28
C SER A 97 9.07 -5.78 11.76
N VAL A 98 8.45 -6.53 10.84
CA VAL A 98 7.32 -7.42 11.15
C VAL A 98 7.44 -8.64 10.26
N GLY A 99 6.98 -9.79 10.76
CA GLY A 99 6.81 -10.98 9.92
C GLY A 99 5.83 -10.75 8.77
N GLU A 100 6.10 -11.36 7.60
CA GLU A 100 5.38 -11.06 6.37
C GLU A 100 3.88 -11.25 6.53
N LYS A 101 3.46 -12.31 7.21
CA LYS A 101 2.06 -12.68 7.22
C LYS A 101 1.22 -11.69 8.05
N CYS A 102 1.85 -10.73 8.73
CA CYS A 102 1.11 -9.76 9.53
C CYS A 102 1.29 -8.32 9.01
N VAL A 103 1.94 -8.17 7.87
CA VAL A 103 2.07 -6.85 7.29
C VAL A 103 0.72 -6.17 7.11
N LEU A 104 -0.32 -6.94 6.74
CA LEU A 104 -1.64 -6.38 6.48
C LEU A 104 -2.19 -5.66 7.73
N HIS A 105 -2.06 -6.27 8.91
CA HIS A 105 -2.60 -5.72 10.15
C HIS A 105 -1.76 -4.56 10.66
N VAL A 106 -0.48 -4.52 10.27
CA VAL A 106 0.40 -3.38 10.56
C VAL A 106 -0.02 -2.20 9.70
N MET A 107 -0.33 -2.50 8.43
CA MET A 107 -0.81 -1.49 7.52
C MET A 107 -2.09 -0.90 8.07
N ASN A 108 -3.00 -1.75 8.53
CA ASN A 108 -4.26 -1.28 9.06
C ASN A 108 -4.01 -0.31 10.22
N GLY A 109 -3.10 -0.67 11.14
CA GLY A 109 -2.77 0.19 12.27
C GLY A 109 -2.20 1.53 11.81
N ALA A 110 -1.33 1.48 10.80
CA ALA A 110 -0.69 2.69 10.32
C ALA A 110 -1.72 3.58 9.63
N VAL A 111 -2.77 2.96 9.06
CA VAL A 111 -3.86 3.73 8.47
C VAL A 111 -4.62 4.42 9.60
N MET A 112 -4.89 3.66 10.66
CA MET A 112 -5.64 4.16 11.80
C MET A 112 -4.95 5.39 12.38
N TYR A 113 -3.60 5.39 12.47
CA TYR A 113 -2.88 6.52 13.07
C TYR A 113 -2.34 7.47 12.00
N GLN A 114 -2.63 7.18 10.74
CA GLN A 114 -2.25 8.06 9.64
C GLN A 114 -0.74 8.22 9.60
N ILE A 115 -0.01 7.12 9.80
CA ILE A 115 1.41 7.11 9.45
C ILE A 115 1.55 6.71 7.99
N ASP A 116 1.58 7.72 7.11
CA ASP A 116 1.45 7.53 5.67
C ASP A 116 2.61 6.74 5.10
N SER A 117 3.83 7.04 5.57
CA SER A 117 5.00 6.36 5.06
C SER A 117 4.87 4.85 5.26
N VAL A 118 4.36 4.38 6.40
CA VAL A 118 4.41 2.93 6.62
C VAL A 118 3.23 2.28 5.89
N VAL A 119 2.13 3.04 5.71
CA VAL A 119 1.06 2.59 4.84
C VAL A 119 1.65 2.31 3.46
N ARG A 120 2.37 3.27 2.88
CA ARG A 120 2.90 3.08 1.53
C ARG A 120 3.87 1.89 1.45
N ALA A 121 4.77 1.75 2.44
CA ALA A 121 5.73 0.67 2.40
C ALA A 121 5.04 -0.68 2.51
N CYS A 122 3.97 -0.75 3.30
CA CYS A 122 3.27 -2.01 3.53
C CYS A 122 2.49 -2.43 2.28
N ALA A 123 1.82 -1.45 1.68
CA ALA A 123 1.22 -1.59 0.37
C ALA A 123 2.27 -2.11 -0.62
N ASP A 124 3.40 -1.40 -0.74
CA ASP A 124 4.44 -1.75 -1.71
C ASP A 124 4.83 -3.21 -1.54
N PHE A 125 4.98 -3.63 -0.29
CA PHE A 125 5.39 -5.00 0.00
C PHE A 125 4.32 -6.01 -0.44
N LEU A 126 3.04 -5.71 -0.15
CA LEU A 126 1.93 -6.64 -0.36
C LEU A 126 1.59 -6.80 -1.85
N VAL A 127 1.84 -5.76 -2.64
CA VAL A 127 1.57 -5.80 -4.07
C VAL A 127 2.61 -6.67 -4.80
N GLN A 128 3.89 -6.57 -4.40
CA GLN A 128 4.98 -7.32 -5.02
C GLN A 128 5.14 -8.67 -4.33
N GLN A 129 4.02 -9.40 -4.19
CA GLN A 129 3.93 -10.67 -3.47
C GLN A 129 2.81 -11.52 -4.09
N ARG B 1 9.91 -15.13 6.44
CA ARG B 1 10.28 -13.83 5.79
C ARG B 1 9.91 -12.66 6.72
N THR B 2 10.63 -11.55 6.50
CA THR B 2 10.50 -10.33 7.31
C THR B 2 10.31 -9.13 6.37
N PHE B 3 9.37 -8.26 6.75
CA PHE B 3 9.24 -6.97 6.12
C PHE B 3 9.98 -5.93 6.95
N SER B 4 10.80 -5.11 6.28
CA SER B 4 11.55 -4.05 6.93
C SER B 4 11.38 -2.77 6.15
N TYR B 5 11.33 -1.65 6.89
CA TYR B 5 11.22 -0.35 6.26
C TYR B 5 11.79 0.68 7.22
N THR B 6 12.46 1.69 6.66
CA THR B 6 12.90 2.79 7.46
C THR B 6 12.70 4.05 6.64
N LEU B 7 12.17 5.10 7.28
CA LEU B 7 12.01 6.37 6.61
C LEU B 7 13.21 7.26 6.95
N GLU B 8 14.08 7.50 5.97
CA GLU B 8 15.35 8.17 6.19
C GLU B 8 15.19 9.60 6.72
N ASP B 9 14.10 10.27 6.36
CA ASP B 9 13.82 11.65 6.70
C ASP B 9 13.04 11.76 8.04
N HIS B 10 12.67 10.64 8.66
CA HIS B 10 11.66 10.65 9.71
C HIS B 10 11.99 11.60 10.85
N THR B 11 13.24 11.56 11.34
CA THR B 11 13.58 12.31 12.54
C THR B 11 13.60 13.80 12.25
N LYS B 12 13.87 14.21 11.01
CA LYS B 12 13.81 15.64 10.62
C LYS B 12 12.36 16.12 10.42
N GLN B 13 11.51 15.34 9.75
CA GLN B 13 10.07 15.63 9.73
C GLN B 13 9.57 15.78 11.16
N ALA B 14 9.83 14.75 11.99
CA ALA B 14 9.34 14.72 13.36
C ALA B 14 9.76 15.97 14.11
N PHE B 15 11.05 16.33 14.03
CA PHE B 15 11.50 17.53 14.74
C PHE B 15 10.82 18.78 14.18
N GLY B 16 10.52 18.80 12.89
CA GLY B 16 9.83 19.93 12.29
C GLY B 16 8.46 20.14 12.95
N VAL B 17 7.72 19.03 13.19
CA VAL B 17 6.44 19.10 13.89
C VAL B 17 6.66 19.51 15.35
N MET B 18 7.74 19.04 16.00
CA MET B 18 7.91 19.33 17.42
C MET B 18 8.20 20.82 17.58
N ASN B 19 8.96 21.36 16.65
CA ASN B 19 9.25 22.78 16.67
C ASN B 19 7.97 23.60 16.40
N GLU B 20 7.11 23.14 15.47
CA GLU B 20 5.83 23.81 15.24
C GLU B 20 5.02 23.87 16.52
N LEU B 21 4.94 22.73 17.22
CA LEU B 21 4.27 22.64 18.50
C LEU B 21 4.87 23.60 19.53
N ARG B 22 6.19 23.78 19.52
CA ARG B 22 6.80 24.68 20.49
C ARG B 22 6.40 26.11 20.21
N LEU B 23 6.44 26.53 18.94
CA LEU B 23 6.08 27.89 18.57
C LEU B 23 4.58 28.13 18.80
N SER B 24 3.74 27.09 18.69
CA SER B 24 2.31 27.16 18.96
C SER B 24 2.04 27.08 20.46
N GLN B 25 3.06 26.78 21.25
CA GLN B 25 2.94 26.59 22.69
C GLN B 25 2.02 25.42 23.05
N GLN B 26 2.05 24.32 22.27
CA GLN B 26 1.22 23.16 22.55
C GLN B 26 2.07 22.00 23.06
N LEU B 27 1.47 21.19 23.94
CA LEU B 27 2.10 20.04 24.58
C LEU B 27 3.28 20.41 25.48
N CYS B 28 3.55 21.70 25.68
CA CYS B 28 4.70 22.14 26.45
C CYS B 28 4.46 21.86 27.93
N ASP B 29 5.50 21.33 28.62
CA ASP B 29 5.45 20.98 30.04
C ASP B 29 6.56 21.64 30.87
N VAL B 30 7.32 22.59 30.27
CA VAL B 30 8.31 23.32 31.03
C VAL B 30 8.34 24.77 30.54
N THR B 31 8.61 25.69 31.46
CA THR B 31 8.84 27.08 31.12
C THR B 31 10.21 27.49 31.66
N LEU B 32 11.08 27.96 30.78
CA LEU B 32 12.37 28.45 31.21
C LEU B 32 12.23 29.92 31.46
N GLN B 33 12.44 30.31 32.72
CA GLN B 33 12.42 31.71 33.10
C GLN B 33 13.84 32.23 33.22
N VAL B 34 14.20 33.17 32.35
CA VAL B 34 15.57 33.62 32.19
C VAL B 34 15.70 35.08 32.62
N LYS B 35 16.41 35.28 33.74
CA LYS B 35 16.59 36.57 34.39
C LYS B 35 18.02 37.06 34.17
N TYR B 36 18.14 38.24 33.53
CA TYR B 36 19.43 38.85 33.24
C TYR B 36 19.41 40.29 33.72
N GLU B 37 20.51 40.74 34.33
CA GLU B 37 20.63 42.05 34.97
C GLU B 37 19.99 43.15 34.11
N ASP B 38 19.13 43.93 34.77
CA ASP B 38 18.68 45.24 34.28
C ASP B 38 17.84 45.09 33.02
N ILE B 39 17.19 43.92 32.85
CA ILE B 39 16.24 43.68 31.76
C ILE B 39 15.19 42.67 32.25
N PRO B 40 13.91 42.78 31.81
CA PRO B 40 12.86 41.87 32.31
C PRO B 40 13.13 40.40 32.00
N ALA B 41 12.70 39.54 32.91
CA ALA B 41 12.74 38.10 32.72
C ALA B 41 12.04 37.73 31.41
N ALA B 42 12.59 36.75 30.69
CA ALA B 42 11.93 36.24 29.50
C ALA B 42 11.54 34.80 29.78
N GLN B 43 10.49 34.34 29.10
CA GLN B 43 9.96 32.99 29.28
C GLN B 43 10.00 32.26 27.94
N PHE B 44 10.46 31.01 27.99
CA PHE B 44 10.50 30.14 26.84
C PHE B 44 9.83 28.84 27.24
N MET B 45 8.84 28.45 26.46
CA MET B 45 8.13 27.22 26.72
C MET B 45 8.79 26.16 25.85
N ALA B 46 8.83 24.93 26.36
CA ALA B 46 9.41 23.86 25.58
C ALA B 46 8.92 22.54 26.16
N HIS B 47 9.39 21.43 25.59
CA HIS B 47 9.04 20.07 26.00
C HIS B 47 10.27 19.44 26.65
N LYS B 48 10.08 18.88 27.83
CA LYS B 48 11.18 18.36 28.61
C LYS B 48 11.94 17.30 27.84
N VAL B 49 11.21 16.41 27.15
CA VAL B 49 11.84 15.32 26.45
C VAL B 49 12.79 15.91 25.43
N VAL B 50 12.38 16.98 24.76
CA VAL B 50 13.15 17.47 23.64
C VAL B 50 14.43 18.09 24.17
N LEU B 51 14.33 18.85 25.27
CA LEU B 51 15.49 19.47 25.91
C LEU B 51 16.42 18.35 26.40
N ALA B 52 15.83 17.34 27.05
CA ALA B 52 16.57 16.18 27.49
C ALA B 52 17.32 15.53 26.35
N SER B 53 16.70 15.48 25.17
CA SER B 53 17.23 14.73 24.05
C SER B 53 18.55 15.31 23.53
N SER B 54 18.84 16.56 23.87
CA SER B 54 19.92 17.35 23.30
C SER B 54 20.93 17.76 24.37
N SER B 55 20.54 17.67 25.65
CA SER B 55 21.31 18.24 26.75
C SER B 55 21.28 17.32 27.97
N PRO B 56 22.42 16.69 28.34
CA PRO B 56 22.47 15.85 29.54
C PRO B 56 22.11 16.57 30.82
N VAL B 57 22.36 17.91 30.84
CA VAL B 57 22.03 18.70 32.01
C VAL B 57 20.50 18.79 32.14
N PHE B 58 19.78 19.09 31.07
CA PHE B 58 18.33 19.12 31.18
C PHE B 58 17.80 17.71 31.45
N LYS B 59 18.42 16.71 30.81
CA LYS B 59 18.04 15.32 31.04
C LYS B 59 18.10 14.96 32.54
N ALA B 60 19.23 15.26 33.22
CA ALA B 60 19.39 15.02 34.64
C ALA B 60 18.41 15.84 35.46
N MET B 61 18.23 17.12 35.13
CA MET B 61 17.32 18.01 35.87
C MET B 61 15.86 17.52 35.89
N PHE B 62 15.37 16.93 34.79
CA PHE B 62 13.97 16.53 34.62
C PHE B 62 13.71 15.06 34.96
N THR B 63 14.75 14.20 35.09
CA THR B 63 14.54 12.82 35.52
C THR B 63 14.81 12.64 37.03
N ASN B 64 15.29 13.70 37.69
CA ASN B 64 15.70 13.64 39.10
C ASN B 64 14.53 14.13 39.97
N GLY B 65 14.36 13.47 41.12
CA GLY B 65 13.18 13.66 41.95
C GLY B 65 11.94 13.14 41.24
N LEU B 66 10.81 13.83 41.44
CA LEU B 66 9.65 13.73 40.56
C LEU B 66 8.69 14.86 40.92
N ARG B 67 8.61 15.85 40.03
CA ARG B 67 8.05 17.17 40.34
C ARG B 67 6.52 17.11 40.30
N GLU B 68 5.89 17.85 41.23
CA GLU B 68 4.44 17.84 41.37
C GLU B 68 3.84 18.39 40.08
N GLN B 69 2.72 17.78 39.68
CA GLN B 69 2.33 17.59 38.29
C GLN B 69 2.07 18.93 37.59
N GLY B 70 2.33 18.97 36.28
CA GLY B 70 1.92 20.06 35.42
C GLY B 70 3.12 20.88 34.94
N MET B 71 2.89 22.18 34.75
CA MET B 71 3.88 23.09 34.19
C MET B 71 4.98 23.39 35.21
N GLU B 72 6.21 22.93 34.94
CA GLU B 72 7.36 23.27 35.76
C GLU B 72 7.97 24.58 35.24
N VAL B 73 8.30 25.46 36.19
CA VAL B 73 9.00 26.71 35.89
C VAL B 73 10.41 26.55 36.45
N VAL B 74 11.39 26.82 35.58
CA VAL B 74 12.78 26.66 35.94
C VAL B 74 13.45 28.03 35.80
N SER B 75 13.93 28.54 36.94
CA SER B 75 14.71 29.76 37.00
C SER B 75 16.13 29.53 36.44
N ILE B 76 16.51 30.34 35.46
CA ILE B 76 17.85 30.31 34.88
C ILE B 76 18.50 31.67 35.05
N GLU B 77 19.74 31.67 35.53
CA GLU B 77 20.52 32.88 35.76
C GLU B 77 21.86 32.77 35.05
N GLY B 78 22.40 33.92 34.62
CA GLY B 78 23.78 34.03 34.18
C GLY B 78 23.89 33.97 32.66
N ILE B 79 22.76 33.83 31.99
CA ILE B 79 22.73 33.60 30.56
C ILE B 79 21.64 34.51 30.02
N HIS B 80 21.95 35.18 28.91
CA HIS B 80 21.04 36.11 28.29
C HIS B 80 19.92 35.31 27.65
N PRO B 81 18.68 35.82 27.67
CA PRO B 81 17.56 35.18 26.96
C PRO B 81 17.91 34.76 25.54
N LYS B 82 18.66 35.60 24.84
CA LYS B 82 18.95 35.37 23.43
C LYS B 82 19.92 34.20 23.25
N VAL B 83 20.78 33.95 24.25
CA VAL B 83 21.67 32.81 24.18
C VAL B 83 20.83 31.56 24.36
N MET B 84 19.98 31.56 25.39
CA MET B 84 19.09 30.45 25.68
C MET B 84 18.15 30.24 24.53
N GLU B 85 17.68 31.31 23.92
CA GLU B 85 16.79 31.17 22.79
C GLU B 85 17.50 30.33 21.73
N ARG B 86 18.78 30.62 21.52
CA ARG B 86 19.53 30.00 20.43
C ARG B 86 19.86 28.54 20.73
N LEU B 87 20.17 28.21 21.97
CA LEU B 87 20.36 26.82 22.36
C LEU B 87 19.07 26.02 22.15
N ILE B 88 17.92 26.59 22.58
CA ILE B 88 16.62 25.95 22.41
C ILE B 88 16.37 25.67 20.93
N GLU B 89 16.53 26.71 20.10
CA GLU B 89 16.35 26.58 18.66
C GLU B 89 17.25 25.48 18.10
N PHE B 90 18.47 25.38 18.62
CA PHE B 90 19.37 24.32 18.17
C PHE B 90 18.75 22.96 18.52
N ALA B 91 18.33 22.77 19.78
CA ALA B 91 17.75 21.48 20.15
C ALA B 91 16.65 21.09 19.17
N TYR B 92 15.87 22.09 18.72
CA TYR B 92 14.67 21.79 17.98
C TYR B 92 14.92 21.74 16.47
N THR B 93 16.05 22.26 15.96
CA THR B 93 16.22 22.44 14.50
C THR B 93 17.51 21.83 13.96
N ALA B 94 18.55 21.78 14.80
CA ALA B 94 19.86 21.24 14.47
C ALA B 94 20.79 22.35 13.98
N SER B 95 20.35 23.61 14.05
CA SER B 95 21.12 24.71 13.50
C SER B 95 21.23 25.82 14.55
N ILE B 96 22.31 26.59 14.48
CA ILE B 96 22.45 27.78 15.29
C ILE B 96 23.23 28.82 14.48
N SER B 97 22.93 30.09 14.72
CA SER B 97 23.49 31.17 13.93
C SER B 97 23.61 32.40 14.83
N VAL B 98 24.80 32.96 14.86
CA VAL B 98 25.20 33.85 15.94
C VAL B 98 26.10 34.90 15.33
N GLY B 99 26.02 36.15 15.83
CA GLY B 99 26.96 37.19 15.44
C GLY B 99 28.35 36.84 15.97
N GLU B 100 29.38 37.06 15.15
CA GLU B 100 30.72 36.53 15.39
C GLU B 100 31.31 37.03 16.70
N LYS B 101 30.95 38.26 17.11
CA LYS B 101 31.53 38.84 18.31
C LYS B 101 30.89 38.29 19.59
N CYS B 102 29.82 37.47 19.47
CA CYS B 102 29.13 36.92 20.64
C CYS B 102 29.29 35.40 20.76
N VAL B 103 30.04 34.77 19.84
CA VAL B 103 30.22 33.34 19.80
C VAL B 103 30.77 32.84 21.14
N LEU B 104 31.54 33.69 21.81
CA LEU B 104 32.16 33.23 23.03
C LEU B 104 31.08 32.96 24.09
N HIS B 105 30.04 33.81 24.14
CA HIS B 105 29.02 33.71 25.16
C HIS B 105 28.05 32.56 24.85
N VAL B 106 27.74 32.34 23.57
CA VAL B 106 26.98 31.17 23.19
C VAL B 106 27.73 29.93 23.65
N MET B 107 29.04 29.91 23.44
CA MET B 107 29.81 28.71 23.74
C MET B 107 29.62 28.32 25.21
N ASN B 108 29.79 29.32 26.07
CA ASN B 108 29.65 29.19 27.51
C ASN B 108 28.25 28.71 27.89
N GLY B 109 27.20 29.26 27.26
CA GLY B 109 25.85 28.77 27.47
C GLY B 109 25.70 27.30 27.05
N ALA B 110 26.29 26.90 25.92
CA ALA B 110 26.34 25.50 25.53
C ALA B 110 27.15 24.69 26.52
N VAL B 111 28.19 25.29 27.10
CA VAL B 111 28.96 24.59 28.11
C VAL B 111 28.06 24.26 29.29
N MET B 112 27.27 25.25 29.68
CA MET B 112 26.45 25.17 30.88
C MET B 112 25.43 24.03 30.76
N TYR B 113 24.90 23.79 29.53
CA TYR B 113 23.93 22.73 29.25
C TYR B 113 24.59 21.56 28.54
N GLN B 114 25.93 21.59 28.43
CA GLN B 114 26.69 20.43 27.95
C GLN B 114 26.17 20.03 26.59
N ILE B 115 25.90 21.01 25.73
CA ILE B 115 25.62 20.71 24.34
C ILE B 115 26.97 20.69 23.62
N ASP B 116 27.63 19.53 23.66
CA ASP B 116 29.02 19.42 23.24
C ASP B 116 29.20 19.84 21.77
N SER B 117 28.26 19.48 20.89
CA SER B 117 28.45 19.72 19.47
C SER B 117 28.59 21.21 19.19
N VAL B 118 27.81 22.04 19.88
CA VAL B 118 27.87 23.47 19.64
C VAL B 118 29.03 24.05 20.43
N VAL B 119 29.43 23.45 21.55
CA VAL B 119 30.67 23.85 22.23
C VAL B 119 31.87 23.70 21.27
N ARG B 120 32.03 22.53 20.59
CA ARG B 120 33.13 22.30 19.68
C ARG B 120 33.10 23.32 18.54
N ALA B 121 31.92 23.53 17.96
CA ALA B 121 31.79 24.29 16.74
C ALA B 121 32.16 25.75 17.01
N CYS B 122 31.64 26.26 18.14
CA CYS B 122 31.98 27.59 18.62
C CYS B 122 33.50 27.71 18.76
N ALA B 123 34.08 26.78 19.53
CA ALA B 123 35.51 26.72 19.81
C ALA B 123 36.33 26.76 18.52
N ASP B 124 36.04 25.88 17.55
CA ASP B 124 36.75 25.86 16.28
C ASP B 124 36.59 27.19 15.54
N PHE B 125 35.44 27.86 15.70
CA PHE B 125 35.27 29.14 15.03
C PHE B 125 36.12 30.22 15.67
N LEU B 126 36.28 30.18 16.99
CA LEU B 126 37.12 31.14 17.70
C LEU B 126 38.61 30.92 17.39
N VAL B 127 39.00 29.66 17.16
CA VAL B 127 40.40 29.30 16.99
C VAL B 127 40.92 29.73 15.62
N GLN B 128 40.02 29.92 14.64
CA GLN B 128 40.41 30.31 13.29
C GLN B 128 40.33 31.84 13.10
N GLN B 129 40.04 32.56 14.21
CA GLN B 129 40.08 34.01 14.24
C GLN B 129 41.39 34.50 14.85
N LEU B 130 42.21 33.56 15.38
CA LEU B 130 43.50 33.89 15.96
C LEU B 130 44.49 34.28 14.84
N ARG C 1 3.81 -12.37 -47.81
CA ARG C 1 3.55 -11.33 -46.77
C ARG C 1 2.48 -11.84 -45.79
N THR C 2 2.14 -11.01 -44.78
CA THR C 2 1.29 -11.40 -43.66
C THR C 2 0.19 -10.37 -43.44
N PHE C 3 -1.03 -10.87 -43.19
CA PHE C 3 -2.15 -10.04 -42.79
C PHE C 3 -2.33 -10.14 -41.28
N SER C 4 -2.40 -8.97 -40.62
CA SER C 4 -2.45 -8.90 -39.16
C SER C 4 -3.58 -7.99 -38.76
N TYR C 5 -4.27 -8.38 -37.70
CA TYR C 5 -5.38 -7.58 -37.23
C TYR C 5 -5.53 -7.81 -35.74
N THR C 6 -5.88 -6.73 -35.05
CA THR C 6 -6.25 -6.80 -33.65
C THR C 6 -7.48 -5.91 -33.49
N LEU C 7 -8.43 -6.37 -32.67
CA LEU C 7 -9.59 -5.55 -32.33
C LEU C 7 -9.34 -4.97 -30.95
N GLU C 8 -9.19 -3.65 -30.88
CA GLU C 8 -8.71 -2.98 -29.69
C GLU C 8 -9.71 -3.18 -28.53
N ASP C 9 -10.98 -3.18 -28.86
CA ASP C 9 -12.06 -3.20 -27.90
C ASP C 9 -12.43 -4.64 -27.47
N HIS C 10 -11.69 -5.69 -27.89
CA HIS C 10 -12.16 -7.06 -27.79
C HIS C 10 -12.40 -7.50 -26.35
N THR C 11 -11.38 -7.27 -25.49
CA THR C 11 -11.34 -7.80 -24.15
C THR C 11 -12.42 -7.11 -23.35
N LYS C 12 -12.75 -5.87 -23.67
CA LYS C 12 -13.90 -5.21 -23.04
C LYS C 12 -15.21 -5.88 -23.49
N GLN C 13 -15.42 -6.05 -24.81
CA GLN C 13 -16.67 -6.61 -25.29
C GLN C 13 -16.87 -8.02 -24.70
N ALA C 14 -15.81 -8.82 -24.70
CA ALA C 14 -15.81 -10.18 -24.23
C ALA C 14 -16.13 -10.25 -22.74
N PHE C 15 -15.53 -9.37 -21.91
CA PHE C 15 -15.87 -9.28 -20.49
C PHE C 15 -17.32 -8.82 -20.27
N GLY C 16 -17.80 -7.91 -21.11
CA GLY C 16 -19.20 -7.51 -21.11
C GLY C 16 -20.12 -8.73 -21.19
N VAL C 17 -19.75 -9.71 -22.02
CA VAL C 17 -20.58 -10.89 -22.25
C VAL C 17 -20.44 -11.80 -21.05
N MET C 18 -19.20 -12.03 -20.59
CA MET C 18 -18.97 -12.91 -19.46
C MET C 18 -19.70 -12.37 -18.23
N ASN C 19 -19.81 -11.06 -18.11
CA ASN C 19 -20.56 -10.48 -17.01
C ASN C 19 -22.06 -10.70 -17.17
N GLU C 20 -22.61 -10.52 -18.38
CA GLU C 20 -24.02 -10.82 -18.64
C GLU C 20 -24.34 -12.26 -18.27
N LEU C 21 -23.44 -13.20 -18.64
CA LEU C 21 -23.54 -14.62 -18.34
C LEU C 21 -23.55 -14.83 -16.83
N ARG C 22 -22.73 -14.07 -16.09
CA ARG C 22 -22.70 -14.24 -14.65
C ARG C 22 -24.05 -13.83 -14.07
N LEU C 23 -24.62 -12.72 -14.55
CA LEU C 23 -25.86 -12.17 -14.05
C LEU C 23 -27.06 -13.05 -14.42
N SER C 24 -26.93 -13.84 -15.49
CA SER C 24 -27.92 -14.79 -15.97
C SER C 24 -27.70 -16.13 -15.29
N GLN C 25 -26.59 -16.27 -14.57
CA GLN C 25 -26.23 -17.53 -13.95
C GLN C 25 -26.23 -18.59 -15.04
N GLN C 26 -25.35 -18.39 -16.03
CA GLN C 26 -25.09 -19.39 -17.05
C GLN C 26 -23.59 -19.63 -17.19
N LEU C 27 -23.27 -20.91 -17.36
CA LEU C 27 -21.96 -21.51 -17.50
C LEU C 27 -21.13 -21.46 -16.22
N CYS C 28 -21.74 -21.02 -15.10
CA CYS C 28 -21.04 -20.88 -13.85
C CYS C 28 -20.65 -22.27 -13.32
N ASP C 29 -19.50 -22.35 -12.67
CA ASP C 29 -18.93 -23.60 -12.21
C ASP C 29 -18.31 -23.43 -10.83
N VAL C 30 -18.66 -22.35 -10.11
CA VAL C 30 -18.26 -22.18 -8.72
C VAL C 30 -19.33 -21.37 -8.01
N THR C 31 -19.65 -21.82 -6.79
CA THR C 31 -20.49 -21.05 -5.89
C THR C 31 -19.61 -20.74 -4.69
N LEU C 32 -19.42 -19.44 -4.45
CA LEU C 32 -18.77 -18.94 -3.26
C LEU C 32 -19.82 -18.80 -2.17
N GLN C 33 -19.55 -19.43 -1.04
CA GLN C 33 -20.45 -19.39 0.10
C GLN C 33 -19.70 -18.62 1.17
N VAL C 34 -20.14 -17.38 1.40
CA VAL C 34 -19.39 -16.40 2.18
C VAL C 34 -20.04 -16.29 3.55
N LYS C 35 -19.34 -16.74 4.60
CA LYS C 35 -19.85 -16.76 5.97
C LYS C 35 -19.25 -15.59 6.77
N TYR C 36 -20.08 -14.82 7.44
CA TYR C 36 -19.57 -13.77 8.31
C TYR C 36 -20.35 -13.81 9.62
N GLU C 37 -19.72 -13.34 10.70
CA GLU C 37 -20.31 -13.39 12.03
C GLU C 37 -21.67 -12.70 12.01
N ASP C 38 -22.68 -13.42 12.48
CA ASP C 38 -23.94 -12.85 12.92
C ASP C 38 -24.76 -12.45 11.70
N ILE C 39 -24.47 -13.10 10.56
CA ILE C 39 -25.14 -12.84 9.30
C ILE C 39 -25.18 -14.14 8.50
N PRO C 40 -26.37 -14.47 7.93
CA PRO C 40 -26.52 -15.67 7.09
C PRO C 40 -25.51 -15.67 5.95
N ALA C 41 -25.01 -16.86 5.62
CA ALA C 41 -24.12 -17.04 4.50
C ALA C 41 -24.77 -16.52 3.20
N ALA C 42 -23.98 -15.84 2.38
CA ALA C 42 -24.40 -15.36 1.07
C ALA C 42 -23.73 -16.22 0.01
N GLN C 43 -24.43 -16.43 -1.11
CA GLN C 43 -23.94 -17.24 -2.21
C GLN C 43 -23.71 -16.36 -3.45
N PHE C 44 -22.58 -16.56 -4.11
CA PHE C 44 -22.27 -15.85 -5.34
C PHE C 44 -21.86 -16.90 -6.36
N MET C 45 -22.47 -16.87 -7.55
CA MET C 45 -22.06 -17.76 -8.63
C MET C 45 -21.10 -16.98 -9.52
N ALA C 46 -20.12 -17.71 -10.07
CA ALA C 46 -19.14 -17.12 -10.97
C ALA C 46 -18.51 -18.22 -11.82
N HIS C 47 -17.51 -17.81 -12.62
CA HIS C 47 -16.70 -18.69 -13.45
C HIS C 47 -15.29 -18.77 -12.89
N LYS C 48 -14.74 -19.98 -12.83
CA LYS C 48 -13.45 -20.17 -12.20
C LYS C 48 -12.34 -19.53 -13.02
N VAL C 49 -12.47 -19.58 -14.36
CA VAL C 49 -11.48 -18.97 -15.22
C VAL C 49 -11.46 -17.45 -14.97
N VAL C 50 -12.63 -16.86 -14.82
CA VAL C 50 -12.67 -15.40 -14.75
C VAL C 50 -12.05 -14.97 -13.42
N LEU C 51 -12.38 -15.66 -12.33
CA LEU C 51 -11.83 -15.34 -11.02
C LEU C 51 -10.32 -15.58 -11.03
N ALA C 52 -9.87 -16.71 -11.55
CA ALA C 52 -8.44 -16.98 -11.70
C ALA C 52 -7.73 -15.88 -12.49
N SER C 53 -8.43 -15.30 -13.47
CA SER C 53 -7.81 -14.34 -14.37
C SER C 53 -7.44 -13.05 -13.63
N SER C 54 -8.09 -12.81 -12.49
CA SER C 54 -8.06 -11.54 -11.78
C SER C 54 -7.41 -11.71 -10.41
N SER C 55 -7.28 -12.94 -9.93
CA SER C 55 -6.82 -13.18 -8.56
C SER C 55 -5.89 -14.38 -8.51
N PRO C 56 -4.55 -14.19 -8.35
CA PRO C 56 -3.63 -15.32 -8.16
C PRO C 56 -4.06 -16.27 -7.04
N VAL C 57 -4.82 -15.77 -6.06
CA VAL C 57 -5.25 -16.63 -4.95
C VAL C 57 -6.34 -17.58 -5.44
N PHE C 58 -7.36 -17.04 -6.13
CA PHE C 58 -8.35 -17.87 -6.79
C PHE C 58 -7.68 -18.78 -7.80
N LYS C 59 -6.72 -18.25 -8.55
CA LYS C 59 -6.02 -19.05 -9.54
C LYS C 59 -5.52 -20.32 -8.85
N ALA C 60 -4.71 -20.11 -7.80
CA ALA C 60 -4.10 -21.20 -7.05
C ALA C 60 -5.14 -22.14 -6.45
N MET C 61 -6.25 -21.60 -5.93
CA MET C 61 -7.30 -22.39 -5.29
C MET C 61 -7.93 -23.39 -6.27
N PHE C 62 -8.03 -23.02 -7.56
CA PHE C 62 -8.83 -23.77 -8.53
C PHE C 62 -7.94 -24.63 -9.45
N THR C 63 -6.63 -24.35 -9.52
CA THR C 63 -5.72 -25.22 -10.24
C THR C 63 -5.12 -26.31 -9.34
N ASN C 64 -5.14 -26.10 -8.02
CA ASN C 64 -4.47 -26.98 -7.08
C ASN C 64 -5.48 -27.93 -6.44
N GLY C 65 -5.03 -29.19 -6.29
CA GLY C 65 -5.89 -30.31 -5.93
C GLY C 65 -6.40 -31.06 -7.16
N LEU C 66 -7.38 -31.95 -6.92
CA LEU C 66 -7.95 -32.82 -7.92
C LEU C 66 -8.87 -32.00 -8.83
N ARG C 67 -8.92 -32.35 -10.13
CA ARG C 67 -9.69 -31.58 -11.11
C ARG C 67 -11.15 -32.04 -11.11
N GLU C 68 -11.94 -31.47 -10.18
CA GLU C 68 -13.34 -31.81 -9.98
C GLU C 68 -14.18 -31.21 -11.10
N GLN C 69 -15.05 -32.03 -11.72
CA GLN C 69 -16.03 -31.56 -12.68
C GLN C 69 -17.24 -31.02 -11.91
N GLY C 70 -17.90 -30.01 -12.50
CA GLY C 70 -19.22 -29.59 -12.04
C GLY C 70 -19.19 -28.33 -11.17
N MET C 71 -20.28 -28.11 -10.43
CA MET C 71 -20.43 -26.93 -9.59
C MET C 71 -19.74 -27.18 -8.24
N GLU C 72 -18.55 -26.59 -8.04
CA GLU C 72 -17.84 -26.68 -6.75
C GLU C 72 -18.40 -25.61 -5.80
N VAL C 73 -18.71 -26.02 -4.56
CA VAL C 73 -19.11 -25.06 -3.53
C VAL C 73 -17.88 -24.80 -2.67
N VAL C 74 -17.65 -23.52 -2.33
CA VAL C 74 -16.44 -23.09 -1.68
C VAL C 74 -16.84 -22.22 -0.49
N SER C 75 -16.43 -22.66 0.71
CA SER C 75 -16.60 -21.90 1.95
C SER C 75 -15.52 -20.84 2.03
N ILE C 76 -15.95 -19.63 2.42
CA ILE C 76 -15.04 -18.50 2.51
C ILE C 76 -15.33 -17.83 3.84
N GLU C 77 -14.25 -17.55 4.60
CA GLU C 77 -14.38 -16.89 5.89
C GLU C 77 -13.60 -15.58 5.89
N GLY C 78 -14.04 -14.61 6.71
CA GLY C 78 -13.25 -13.43 7.00
C GLY C 78 -13.41 -12.30 5.98
N ILE C 79 -14.49 -12.30 5.21
CA ILE C 79 -14.78 -11.21 4.30
C ILE C 79 -16.27 -11.05 4.24
N HIS C 80 -16.76 -9.83 4.44
CA HIS C 80 -18.19 -9.61 4.30
C HIS C 80 -18.68 -9.91 2.86
N PRO C 81 -19.86 -10.54 2.68
CA PRO C 81 -20.45 -10.74 1.37
C PRO C 81 -20.34 -9.54 0.45
N LYS C 82 -20.55 -8.35 1.00
CA LYS C 82 -20.60 -7.15 0.20
C LYS C 82 -19.21 -6.79 -0.33
N VAL C 83 -18.17 -7.15 0.42
CA VAL C 83 -16.81 -6.92 -0.03
C VAL C 83 -16.49 -7.92 -1.13
N MET C 84 -16.89 -9.19 -0.96
CA MET C 84 -16.70 -10.19 -2.02
C MET C 84 -17.44 -9.84 -3.32
N GLU C 85 -18.68 -9.39 -3.15
CA GLU C 85 -19.50 -8.96 -4.26
C GLU C 85 -18.76 -7.90 -5.09
N ARG C 86 -18.24 -6.85 -4.44
CA ARG C 86 -17.50 -5.82 -5.16
C ARG C 86 -16.20 -6.37 -5.76
N LEU C 87 -15.53 -7.34 -5.14
CA LEU C 87 -14.33 -7.87 -5.77
C LEU C 87 -14.73 -8.75 -6.96
N ILE C 88 -15.90 -9.39 -6.91
CA ILE C 88 -16.34 -10.15 -8.07
C ILE C 88 -16.70 -9.18 -9.22
N GLU C 89 -17.43 -8.12 -8.91
CA GLU C 89 -17.78 -7.13 -9.89
C GLU C 89 -16.55 -6.54 -10.54
N PHE C 90 -15.49 -6.35 -9.76
CA PHE C 90 -14.25 -5.80 -10.29
C PHE C 90 -13.66 -6.77 -11.29
N ALA C 91 -13.57 -8.03 -10.92
CA ALA C 91 -13.06 -9.05 -11.83
C ALA C 91 -13.78 -9.01 -13.17
N TYR C 92 -15.08 -8.72 -13.13
CA TYR C 92 -15.94 -8.91 -14.30
C TYR C 92 -16.17 -7.62 -15.09
N THR C 93 -15.91 -6.45 -14.48
CA THR C 93 -16.18 -5.15 -15.10
C THR C 93 -14.97 -4.21 -15.13
N ALA C 94 -13.96 -4.44 -14.29
CA ALA C 94 -12.77 -3.59 -14.17
C ALA C 94 -13.04 -2.35 -13.31
N SER C 95 -14.23 -2.25 -12.69
CA SER C 95 -14.58 -1.15 -11.83
C SER C 95 -15.08 -1.61 -10.44
N ILE C 96 -14.90 -0.74 -9.46
CA ILE C 96 -15.30 -0.95 -8.09
C ILE C 96 -15.68 0.38 -7.46
N SER C 97 -16.72 0.32 -6.63
CA SER C 97 -17.30 1.47 -5.95
C SER C 97 -17.54 1.12 -4.48
N VAL C 98 -17.10 1.99 -3.56
CA VAL C 98 -17.23 1.71 -2.13
C VAL C 98 -17.34 3.05 -1.42
N GLY C 99 -18.19 3.07 -0.40
CA GLY C 99 -18.26 4.17 0.56
C GLY C 99 -16.93 4.46 1.27
N GLU C 100 -16.62 5.75 1.44
CA GLU C 100 -15.32 6.19 1.84
C GLU C 100 -14.92 5.54 3.16
N LYS C 101 -15.89 5.34 4.04
CA LYS C 101 -15.62 4.84 5.39
C LYS C 101 -15.33 3.34 5.36
N CYS C 102 -15.63 2.65 4.24
CA CYS C 102 -15.34 1.22 4.19
C CYS C 102 -14.15 0.91 3.29
N VAL C 103 -13.39 1.92 2.84
CA VAL C 103 -12.29 1.67 1.91
C VAL C 103 -11.27 0.70 2.50
N LEU C 104 -11.04 0.74 3.80
CA LEU C 104 -10.03 -0.13 4.41
C LEU C 104 -10.43 -1.59 4.28
N HIS C 105 -11.71 -1.91 4.50
CA HIS C 105 -12.19 -3.27 4.42
C HIS C 105 -12.17 -3.84 3.00
N VAL C 106 -12.41 -2.99 1.99
CA VAL C 106 -12.31 -3.46 0.61
C VAL C 106 -10.85 -3.77 0.31
N MET C 107 -9.96 -2.86 0.75
CA MET C 107 -8.53 -3.06 0.62
C MET C 107 -8.11 -4.40 1.23
N ASN C 108 -8.56 -4.69 2.47
CA ASN C 108 -8.20 -5.95 3.13
C ASN C 108 -8.65 -7.14 2.31
N GLY C 109 -9.89 -7.06 1.78
CA GLY C 109 -10.39 -8.10 0.89
C GLY C 109 -9.55 -8.25 -0.38
N ALA C 110 -9.16 -7.13 -0.97
CA ALA C 110 -8.36 -7.19 -2.18
C ALA C 110 -6.97 -7.76 -1.87
N VAL C 111 -6.44 -7.45 -0.68
CA VAL C 111 -5.15 -7.98 -0.29
C VAL C 111 -5.25 -9.49 -0.13
N MET C 112 -6.34 -9.98 0.46
CA MET C 112 -6.56 -11.40 0.70
C MET C 112 -6.56 -12.20 -0.62
N TYR C 113 -7.20 -11.66 -1.68
CA TYR C 113 -7.24 -12.32 -2.98
C TYR C 113 -6.19 -11.75 -3.93
N GLN C 114 -5.29 -10.88 -3.44
CA GLN C 114 -4.17 -10.36 -4.22
C GLN C 114 -4.63 -9.71 -5.53
N ILE C 115 -5.60 -8.80 -5.42
CA ILE C 115 -6.00 -7.96 -6.53
C ILE C 115 -5.24 -6.63 -6.36
N ASP C 116 -3.99 -6.67 -6.80
CA ASP C 116 -2.99 -5.65 -6.52
C ASP C 116 -3.53 -4.26 -6.84
N SER C 117 -4.14 -4.09 -8.01
CA SER C 117 -4.53 -2.77 -8.49
C SER C 117 -5.51 -2.12 -7.53
N VAL C 118 -6.42 -2.91 -6.94
CA VAL C 118 -7.41 -2.29 -6.05
C VAL C 118 -6.75 -2.04 -4.69
N VAL C 119 -5.78 -2.87 -4.33
CA VAL C 119 -4.97 -2.60 -3.15
C VAL C 119 -4.32 -1.22 -3.34
N ARG C 120 -3.68 -0.96 -4.49
CA ARG C 120 -2.96 0.30 -4.66
C ARG C 120 -3.97 1.45 -4.58
N ALA C 121 -5.04 1.36 -5.36
CA ALA C 121 -5.97 2.46 -5.43
C ALA C 121 -6.54 2.77 -4.05
N CYS C 122 -6.84 1.74 -3.27
CA CYS C 122 -7.43 1.97 -1.95
C CYS C 122 -6.42 2.68 -1.05
N ALA C 123 -5.20 2.12 -0.96
CA ALA C 123 -4.09 2.72 -0.22
C ALA C 123 -3.92 4.22 -0.54
N ASP C 124 -3.87 4.58 -1.82
CA ASP C 124 -3.69 5.98 -2.21
C ASP C 124 -4.86 6.82 -1.72
N PHE C 125 -6.08 6.30 -1.78
CA PHE C 125 -7.20 7.06 -1.25
C PHE C 125 -7.09 7.29 0.26
N LEU C 126 -6.62 6.27 1.02
CA LEU C 126 -6.59 6.29 2.48
C LEU C 126 -5.49 7.21 3.01
N VAL C 127 -4.37 7.29 2.28
CA VAL C 127 -3.28 8.19 2.59
C VAL C 127 -3.71 9.67 2.42
N GLN C 128 -4.52 9.97 1.40
CA GLN C 128 -4.88 11.34 1.06
C GLN C 128 -6.02 11.85 1.94
N GLN C 129 -6.01 11.55 3.24
CA GLN C 129 -7.01 12.03 4.18
C GLN C 129 -6.32 12.53 5.46
N ARG D 1 -19.95 10.24 0.60
CA ARG D 1 -18.89 10.15 -0.44
C ARG D 1 -18.63 8.68 -0.80
N THR D 2 -18.63 8.39 -2.11
CA THR D 2 -18.29 7.08 -2.65
C THR D 2 -16.90 7.16 -3.28
N PHE D 3 -16.04 6.18 -3.00
CA PHE D 3 -14.78 6.03 -3.74
C PHE D 3 -15.04 5.09 -4.90
N SER D 4 -14.60 5.48 -6.12
CA SER D 4 -14.69 4.62 -7.31
C SER D 4 -13.33 4.54 -7.98
N TYR D 5 -13.03 3.36 -8.53
CA TYR D 5 -11.79 3.18 -9.28
C TYR D 5 -12.05 2.22 -10.43
N THR D 6 -11.47 2.51 -11.61
CA THR D 6 -11.47 1.54 -12.69
C THR D 6 -10.07 1.42 -13.27
N LEU D 7 -9.59 0.19 -13.43
CA LEU D 7 -8.32 -0.12 -14.05
C LEU D 7 -8.57 -0.43 -15.53
N GLU D 8 -8.13 0.47 -16.42
CA GLU D 8 -8.49 0.43 -17.83
C GLU D 8 -7.90 -0.79 -18.53
N ASP D 9 -6.74 -1.23 -18.04
CA ASP D 9 -5.96 -2.29 -18.63
C ASP D 9 -6.40 -3.68 -18.11
N HIS D 10 -7.43 -3.76 -17.25
CA HIS D 10 -7.75 -4.99 -16.50
C HIS D 10 -8.12 -6.15 -17.44
N THR D 11 -8.98 -5.89 -18.45
CA THR D 11 -9.47 -6.95 -19.33
C THR D 11 -8.33 -7.54 -20.16
N LYS D 12 -7.28 -6.78 -20.41
CA LYS D 12 -6.16 -7.28 -21.20
C LYS D 12 -5.33 -8.17 -20.30
N GLN D 13 -5.05 -7.72 -19.09
CA GLN D 13 -4.27 -8.50 -18.13
C GLN D 13 -5.01 -9.81 -17.87
N ALA D 14 -6.33 -9.69 -17.66
CA ALA D 14 -7.12 -10.86 -17.36
C ALA D 14 -7.10 -11.86 -18.52
N PHE D 15 -7.24 -11.37 -19.76
CA PHE D 15 -7.18 -12.26 -20.92
C PHE D 15 -5.80 -12.90 -20.98
N GLY D 16 -4.77 -12.16 -20.58
CA GLY D 16 -3.40 -12.68 -20.58
C GLY D 16 -3.32 -13.96 -19.73
N VAL D 17 -4.00 -13.93 -18.59
CA VAL D 17 -3.93 -15.08 -17.69
C VAL D 17 -4.80 -16.18 -18.27
N MET D 18 -5.98 -15.84 -18.80
CA MET D 18 -6.86 -16.85 -19.37
C MET D 18 -6.13 -17.57 -20.50
N ASN D 19 -5.34 -16.84 -21.30
CA ASN D 19 -4.59 -17.48 -22.38
C ASN D 19 -3.48 -18.37 -21.83
N GLU D 20 -2.76 -17.94 -20.77
CA GLU D 20 -1.76 -18.79 -20.11
C GLU D 20 -2.41 -20.06 -19.57
N LEU D 21 -3.63 -19.95 -19.04
CA LEU D 21 -4.36 -21.11 -18.57
C LEU D 21 -4.76 -22.03 -19.73
N ARG D 22 -5.03 -21.46 -20.91
CA ARG D 22 -5.42 -22.29 -22.04
C ARG D 22 -4.25 -23.10 -22.58
N LEU D 23 -3.07 -22.47 -22.65
CA LEU D 23 -1.86 -23.11 -23.17
C LEU D 23 -1.34 -24.14 -22.17
N SER D 24 -1.65 -23.95 -20.88
CA SER D 24 -1.32 -24.89 -19.81
C SER D 24 -2.40 -25.97 -19.68
N GLN D 25 -3.48 -25.84 -20.44
CA GLN D 25 -4.59 -26.77 -20.36
C GLN D 25 -5.10 -26.87 -18.92
N GLN D 26 -5.41 -25.72 -18.31
CA GLN D 26 -5.94 -25.67 -16.95
C GLN D 26 -7.31 -24.97 -16.97
N LEU D 27 -8.21 -25.49 -16.14
CA LEU D 27 -9.62 -25.11 -16.01
C LEU D 27 -10.42 -25.29 -17.30
N CYS D 28 -9.82 -25.86 -18.36
CA CYS D 28 -10.56 -26.11 -19.58
C CYS D 28 -11.75 -27.05 -19.36
N ASP D 29 -12.86 -26.77 -20.06
CA ASP D 29 -14.08 -27.53 -19.91
C ASP D 29 -14.69 -27.83 -21.29
N VAL D 30 -13.90 -27.68 -22.38
CA VAL D 30 -14.37 -28.02 -23.71
C VAL D 30 -13.15 -28.37 -24.53
N THR D 31 -13.29 -29.43 -25.34
CA THR D 31 -12.27 -29.86 -26.30
C THR D 31 -12.90 -29.80 -27.69
N LEU D 32 -12.28 -29.01 -28.58
CA LEU D 32 -12.68 -28.94 -29.96
C LEU D 32 -11.92 -30.00 -30.74
N GLN D 33 -12.65 -30.94 -31.35
CA GLN D 33 -12.05 -31.99 -32.18
C GLN D 33 -12.27 -31.63 -33.64
N VAL D 34 -11.18 -31.36 -34.37
CA VAL D 34 -11.26 -30.72 -35.67
C VAL D 34 -10.82 -31.74 -36.72
N LYS D 35 -11.79 -32.19 -37.54
CA LYS D 35 -11.55 -33.24 -38.51
C LYS D 35 -11.37 -32.62 -39.90
N TYR D 36 -10.29 -33.03 -40.60
CA TYR D 36 -9.95 -32.53 -41.93
C TYR D 36 -9.28 -33.63 -42.79
N GLU D 37 -9.62 -33.64 -44.09
CA GLU D 37 -9.33 -34.72 -45.03
C GLU D 37 -7.85 -35.10 -45.07
N ASP D 38 -7.54 -36.40 -44.84
CA ASP D 38 -6.21 -36.96 -44.97
C ASP D 38 -5.23 -36.39 -43.94
N ILE D 39 -5.74 -35.96 -42.78
CA ILE D 39 -4.92 -35.45 -41.70
C ILE D 39 -5.55 -35.99 -40.41
N PRO D 40 -4.77 -36.31 -39.35
CA PRO D 40 -5.36 -36.72 -38.08
C PRO D 40 -6.07 -35.55 -37.38
N ALA D 41 -7.10 -35.90 -36.60
CA ALA D 41 -7.90 -34.91 -35.89
C ALA D 41 -6.98 -34.16 -34.94
N ALA D 42 -7.12 -32.82 -34.93
CA ALA D 42 -6.46 -32.00 -33.93
C ALA D 42 -7.44 -31.71 -32.78
N GLN D 43 -6.90 -31.65 -31.56
CA GLN D 43 -7.70 -31.41 -30.38
C GLN D 43 -7.26 -30.11 -29.71
N PHE D 44 -8.23 -29.26 -29.35
CA PHE D 44 -7.92 -27.96 -28.79
C PHE D 44 -8.74 -27.83 -27.51
N MET D 45 -8.06 -27.55 -26.39
CA MET D 45 -8.74 -27.38 -25.13
C MET D 45 -8.98 -25.88 -24.93
N ALA D 46 -10.15 -25.54 -24.39
CA ALA D 46 -10.49 -24.15 -24.18
C ALA D 46 -11.51 -24.05 -23.08
N HIS D 47 -12.01 -22.83 -22.85
CA HIS D 47 -12.99 -22.58 -21.83
C HIS D 47 -14.28 -22.10 -22.50
N LYS D 48 -15.42 -22.66 -22.10
CA LYS D 48 -16.67 -22.31 -22.73
C LYS D 48 -17.00 -20.81 -22.57
N VAL D 49 -16.76 -20.27 -21.38
CA VAL D 49 -17.09 -18.88 -21.11
C VAL D 49 -16.33 -18.03 -22.10
N VAL D 50 -15.07 -18.40 -22.31
CA VAL D 50 -14.20 -17.53 -23.08
C VAL D 50 -14.70 -17.58 -24.50
N LEU D 51 -14.93 -18.80 -25.00
CA LEU D 51 -15.38 -19.00 -26.38
C LEU D 51 -16.72 -18.31 -26.59
N ALA D 52 -17.61 -18.41 -25.60
CA ALA D 52 -18.92 -17.77 -25.67
C ALA D 52 -18.82 -16.26 -25.73
N SER D 53 -17.75 -15.72 -25.11
CA SER D 53 -17.61 -14.27 -24.96
C SER D 53 -17.22 -13.62 -26.29
N SER D 54 -16.73 -14.43 -27.25
CA SER D 54 -16.17 -13.94 -28.49
C SER D 54 -16.94 -14.44 -29.71
N SER D 55 -17.85 -15.42 -29.54
CA SER D 55 -18.54 -16.04 -30.65
C SER D 55 -19.99 -16.29 -30.32
N PRO D 56 -20.95 -15.59 -30.94
CA PRO D 56 -22.38 -15.87 -30.70
C PRO D 56 -22.84 -17.29 -31.01
N VAL D 57 -22.04 -18.00 -31.83
CA VAL D 57 -22.29 -19.37 -32.21
C VAL D 57 -21.93 -20.27 -31.05
N PHE D 58 -20.72 -20.14 -30.50
CA PHE D 58 -20.32 -20.88 -29.31
C PHE D 58 -21.28 -20.55 -28.14
N LYS D 59 -21.60 -19.28 -27.99
CA LYS D 59 -22.52 -18.87 -26.95
C LYS D 59 -23.80 -19.71 -27.04
N ALA D 60 -24.47 -19.70 -28.20
CA ALA D 60 -25.71 -20.45 -28.39
C ALA D 60 -25.48 -21.96 -28.16
N MET D 61 -24.34 -22.49 -28.58
CA MET D 61 -24.01 -23.91 -28.45
C MET D 61 -23.93 -24.34 -26.98
N PHE D 62 -23.50 -23.45 -26.08
CA PHE D 62 -23.12 -23.86 -24.74
C PHE D 62 -24.16 -23.37 -23.73
N THR D 63 -25.12 -22.57 -24.18
CA THR D 63 -26.22 -22.13 -23.32
C THR D 63 -27.54 -22.83 -23.68
N ASN D 64 -27.54 -23.65 -24.75
CA ASN D 64 -28.77 -24.26 -25.26
C ASN D 64 -28.70 -25.78 -25.17
N GLY D 65 -29.81 -26.35 -24.69
CA GLY D 65 -30.07 -27.78 -24.82
C GLY D 65 -29.21 -28.61 -23.88
N LEU D 66 -29.78 -28.94 -22.71
CA LEU D 66 -29.27 -29.92 -21.77
C LEU D 66 -28.25 -29.26 -20.84
N ARG D 67 -27.14 -29.95 -20.51
CA ARG D 67 -26.28 -29.49 -19.43
C ARG D 67 -24.86 -30.06 -19.61
N GLU D 68 -23.95 -29.64 -18.73
CA GLU D 68 -22.56 -30.04 -18.78
C GLU D 68 -22.46 -31.54 -18.44
N GLN D 69 -21.70 -32.29 -19.26
CA GLN D 69 -21.34 -33.68 -18.98
C GLN D 69 -19.84 -33.78 -18.72
N GLY D 70 -19.32 -32.88 -17.85
CA GLY D 70 -17.90 -32.80 -17.53
C GLY D 70 -17.15 -32.03 -18.62
N MET D 71 -16.01 -32.58 -19.04
CA MET D 71 -15.38 -32.17 -20.29
C MET D 71 -16.31 -32.55 -21.42
N GLU D 72 -16.83 -31.56 -22.16
CA GLU D 72 -17.56 -31.76 -23.40
C GLU D 72 -16.55 -31.86 -24.55
N VAL D 73 -16.83 -32.72 -25.54
CA VAL D 73 -16.07 -32.78 -26.78
C VAL D 73 -17.00 -32.37 -27.93
N VAL D 74 -16.55 -31.43 -28.76
CA VAL D 74 -17.34 -30.92 -29.86
C VAL D 74 -16.59 -31.21 -31.17
N SER D 75 -17.24 -32.01 -32.03
CA SER D 75 -16.71 -32.40 -33.32
C SER D 75 -17.02 -31.29 -34.30
N ILE D 76 -16.01 -30.91 -35.10
CA ILE D 76 -16.11 -29.83 -36.05
C ILE D 76 -15.55 -30.33 -37.37
N GLU D 77 -16.24 -30.01 -38.47
CA GLU D 77 -15.85 -30.47 -39.80
C GLU D 77 -15.76 -29.30 -40.76
N GLY D 78 -14.88 -29.44 -41.75
CA GLY D 78 -14.82 -28.53 -42.87
C GLY D 78 -14.07 -27.25 -42.52
N ILE D 79 -13.16 -27.35 -41.53
CA ILE D 79 -12.28 -26.25 -41.19
C ILE D 79 -10.93 -26.84 -40.80
N HIS D 80 -9.88 -26.42 -41.48
CA HIS D 80 -8.55 -26.86 -41.12
C HIS D 80 -8.29 -26.49 -39.67
N PRO D 81 -7.61 -27.34 -38.87
CA PRO D 81 -7.24 -27.00 -37.51
C PRO D 81 -6.60 -25.63 -37.32
N LYS D 82 -5.60 -25.32 -38.14
CA LYS D 82 -4.86 -24.08 -37.98
C LYS D 82 -5.78 -22.87 -38.12
N VAL D 83 -6.86 -23.00 -38.89
CA VAL D 83 -7.79 -21.90 -39.02
C VAL D 83 -8.47 -21.75 -37.67
N MET D 84 -8.94 -22.87 -37.13
CA MET D 84 -9.60 -22.89 -35.84
C MET D 84 -8.69 -22.35 -34.75
N GLU D 85 -7.41 -22.76 -34.80
CA GLU D 85 -6.38 -22.36 -33.86
C GLU D 85 -6.30 -20.84 -33.88
N ARG D 86 -6.25 -20.26 -35.09
CA ARG D 86 -6.13 -18.81 -35.21
C ARG D 86 -7.37 -18.11 -34.68
N LEU D 87 -8.55 -18.72 -34.81
CA LEU D 87 -9.75 -18.10 -34.25
C LEU D 87 -9.77 -18.20 -32.71
N ILE D 88 -9.37 -19.33 -32.13
CA ILE D 88 -9.28 -19.44 -30.69
C ILE D 88 -8.25 -18.43 -30.18
N GLU D 89 -7.08 -18.37 -30.83
CA GLU D 89 -6.06 -17.40 -30.48
C GLU D 89 -6.66 -16.00 -30.43
N PHE D 90 -7.46 -15.69 -31.44
CA PHE D 90 -8.04 -14.38 -31.54
C PHE D 90 -8.96 -14.16 -30.33
N ALA D 91 -9.78 -15.17 -30.00
CA ALA D 91 -10.71 -15.03 -28.89
C ALA D 91 -9.99 -14.72 -27.56
N TYR D 92 -8.80 -15.33 -27.40
CA TYR D 92 -8.01 -15.24 -26.20
C TYR D 92 -6.95 -14.12 -26.26
N THR D 93 -6.70 -13.45 -27.41
CA THR D 93 -5.70 -12.39 -27.42
C THR D 93 -6.17 -11.08 -28.04
N ALA D 94 -7.18 -11.13 -28.91
CA ALA D 94 -7.62 -9.98 -29.71
C ALA D 94 -6.81 -9.78 -30.99
N SER D 95 -5.87 -10.69 -31.27
CA SER D 95 -5.00 -10.55 -32.43
C SER D 95 -5.00 -11.83 -33.28
N ILE D 96 -4.90 -11.64 -34.59
CA ILE D 96 -4.83 -12.77 -35.52
C ILE D 96 -3.83 -12.40 -36.61
N SER D 97 -3.00 -13.38 -36.96
CA SER D 97 -1.93 -13.19 -37.91
C SER D 97 -1.89 -14.39 -38.84
N VAL D 98 -2.17 -14.17 -40.15
CA VAL D 98 -2.19 -15.26 -41.12
C VAL D 98 -1.53 -14.81 -42.43
N GLY D 99 -1.02 -15.78 -43.19
CA GLY D 99 -0.52 -15.50 -44.53
C GLY D 99 -1.62 -14.91 -45.42
N GLU D 100 -1.24 -13.90 -46.23
CA GLU D 100 -2.17 -13.21 -47.10
C GLU D 100 -2.90 -14.17 -48.06
N LYS D 101 -2.24 -15.26 -48.44
CA LYS D 101 -2.78 -16.12 -49.48
C LYS D 101 -3.95 -16.95 -48.93
N CYS D 102 -4.04 -17.05 -47.60
CA CYS D 102 -5.03 -17.91 -46.95
C CYS D 102 -6.16 -17.12 -46.26
N VAL D 103 -6.22 -15.81 -46.48
CA VAL D 103 -7.17 -14.94 -45.80
C VAL D 103 -8.61 -15.40 -46.07
N LEU D 104 -8.88 -15.91 -47.28
CA LEU D 104 -10.22 -16.31 -47.68
C LEU D 104 -10.78 -17.40 -46.78
N HIS D 105 -9.98 -18.43 -46.52
CA HIS D 105 -10.40 -19.55 -45.67
C HIS D 105 -10.52 -19.16 -44.20
N VAL D 106 -9.69 -18.19 -43.75
CA VAL D 106 -9.78 -17.71 -42.38
C VAL D 106 -11.11 -16.98 -42.27
N MET D 107 -11.39 -16.13 -43.25
CA MET D 107 -12.62 -15.36 -43.25
C MET D 107 -13.79 -16.31 -43.11
N ASN D 108 -13.80 -17.35 -43.96
CA ASN D 108 -14.83 -18.37 -43.91
C ASN D 108 -14.97 -18.92 -42.50
N GLY D 109 -13.84 -19.29 -41.87
CA GLY D 109 -13.87 -19.81 -40.50
C GLY D 109 -14.59 -18.83 -39.57
N ALA D 110 -14.29 -17.54 -39.75
CA ALA D 110 -14.73 -16.50 -38.85
C ALA D 110 -16.22 -16.26 -39.11
N VAL D 111 -16.63 -16.44 -40.36
CA VAL D 111 -18.02 -16.36 -40.72
C VAL D 111 -18.78 -17.49 -40.02
N MET D 112 -18.21 -18.69 -40.03
CA MET D 112 -18.89 -19.83 -39.42
C MET D 112 -19.11 -19.61 -37.92
N TYR D 113 -18.19 -18.94 -37.19
CA TYR D 113 -18.39 -18.72 -35.76
C TYR D 113 -18.83 -17.29 -35.48
N GLN D 114 -19.21 -16.50 -36.50
CA GLN D 114 -19.72 -15.16 -36.34
C GLN D 114 -18.75 -14.31 -35.50
N ILE D 115 -17.46 -14.36 -35.84
CA ILE D 115 -16.48 -13.44 -35.29
C ILE D 115 -16.42 -12.24 -36.23
N ASP D 116 -17.32 -11.28 -35.99
CA ASP D 116 -17.60 -10.24 -36.96
C ASP D 116 -16.40 -9.33 -37.21
N SER D 117 -15.60 -9.04 -36.19
CA SER D 117 -14.50 -8.11 -36.38
C SER D 117 -13.49 -8.71 -37.35
N VAL D 118 -13.24 -10.03 -37.29
CA VAL D 118 -12.24 -10.60 -38.18
C VAL D 118 -12.90 -10.91 -39.53
N VAL D 119 -14.21 -11.04 -39.56
CA VAL D 119 -14.90 -11.17 -40.82
C VAL D 119 -14.69 -9.87 -41.58
N ARG D 120 -14.98 -8.74 -40.94
CA ARG D 120 -14.84 -7.44 -41.57
C ARG D 120 -13.42 -7.24 -42.07
N ALA D 121 -12.42 -7.61 -41.26
CA ALA D 121 -11.05 -7.23 -41.55
C ALA D 121 -10.58 -8.04 -42.75
N CYS D 122 -10.91 -9.33 -42.76
CA CYS D 122 -10.56 -10.18 -43.88
C CYS D 122 -11.23 -9.72 -45.17
N ALA D 123 -12.49 -9.34 -45.09
CA ALA D 123 -13.20 -8.91 -46.28
C ALA D 123 -12.53 -7.66 -46.83
N ASP D 124 -12.24 -6.65 -45.99
CA ASP D 124 -11.61 -5.41 -46.45
C ASP D 124 -10.27 -5.71 -47.13
N PHE D 125 -9.51 -6.62 -46.58
CA PHE D 125 -8.20 -6.93 -47.11
C PHE D 125 -8.33 -7.49 -48.52
N LEU D 126 -9.36 -8.32 -48.74
CA LEU D 126 -9.46 -9.09 -49.98
C LEU D 126 -9.90 -8.18 -51.11
N VAL D 127 -10.76 -7.22 -50.77
CA VAL D 127 -11.25 -6.20 -51.70
C VAL D 127 -10.18 -5.18 -52.08
N GLN D 128 -9.16 -4.98 -51.22
CA GLN D 128 -8.11 -4.01 -51.52
C GLN D 128 -6.86 -4.68 -52.12
N GLN D 129 -7.00 -5.96 -52.52
CA GLN D 129 -6.01 -6.66 -53.32
C GLN D 129 -6.45 -6.84 -54.78
N LEU D 130 -7.59 -6.24 -55.16
CA LEU D 130 -8.08 -6.32 -56.53
C LEU D 130 -7.68 -5.05 -57.31
N ARG E 1 -62.73 -23.96 -25.17
CA ARG E 1 -61.99 -24.24 -26.45
C ARG E 1 -61.41 -22.93 -27.02
N THR E 2 -60.27 -23.10 -27.71
CA THR E 2 -59.58 -22.04 -28.43
C THR E 2 -59.60 -22.30 -29.94
N PHE E 3 -59.95 -21.25 -30.71
CA PHE E 3 -59.89 -21.30 -32.16
C PHE E 3 -58.56 -20.68 -32.61
N SER E 4 -57.81 -21.44 -33.40
CA SER E 4 -56.47 -21.08 -33.86
C SER E 4 -56.43 -21.06 -35.38
N TYR E 5 -55.86 -19.98 -35.94
CA TYR E 5 -55.63 -19.95 -37.36
C TYR E 5 -54.26 -19.35 -37.65
N THR E 6 -53.53 -19.95 -38.61
CA THR E 6 -52.34 -19.35 -39.15
C THR E 6 -52.40 -19.41 -40.67
N LEU E 7 -52.00 -18.30 -41.32
CA LEU E 7 -51.97 -18.20 -42.77
C LEU E 7 -50.51 -18.41 -43.16
N GLU E 8 -50.22 -19.58 -43.73
CA GLU E 8 -48.87 -20.06 -44.04
C GLU E 8 -48.12 -19.09 -44.95
N ASP E 9 -48.84 -18.42 -45.83
CA ASP E 9 -48.29 -17.59 -46.88
C ASP E 9 -48.03 -16.14 -46.40
N HIS E 10 -48.35 -15.80 -45.14
CA HIS E 10 -48.66 -14.42 -44.78
C HIS E 10 -47.46 -13.49 -44.97
N THR E 11 -46.30 -13.92 -44.44
CA THR E 11 -45.08 -13.12 -44.44
C THR E 11 -44.59 -12.89 -45.86
N LYS E 12 -44.92 -13.78 -46.81
CA LYS E 12 -44.55 -13.59 -48.22
C LYS E 12 -45.47 -12.56 -48.85
N GLN E 13 -46.79 -12.69 -48.66
CA GLN E 13 -47.71 -11.72 -49.24
C GLN E 13 -47.41 -10.33 -48.70
N ALA E 14 -47.19 -10.26 -47.38
CA ALA E 14 -46.92 -9.00 -46.69
C ALA E 14 -45.63 -8.40 -47.23
N PHE E 15 -44.58 -9.21 -47.40
CA PHE E 15 -43.37 -8.68 -48.03
C PHE E 15 -43.64 -8.19 -49.45
N GLY E 16 -44.45 -8.92 -50.22
CA GLY E 16 -44.78 -8.51 -51.58
C GLY E 16 -45.45 -7.14 -51.58
N VAL E 17 -46.40 -6.91 -50.68
CA VAL E 17 -47.01 -5.57 -50.60
C VAL E 17 -45.97 -4.51 -50.19
N MET E 18 -45.11 -4.77 -49.21
CA MET E 18 -44.15 -3.78 -48.71
C MET E 18 -43.17 -3.39 -49.82
N ASN E 19 -42.82 -4.37 -50.67
CA ASN E 19 -41.93 -4.12 -51.80
C ASN E 19 -42.64 -3.25 -52.83
N GLU E 20 -43.91 -3.56 -53.13
CA GLU E 20 -44.67 -2.73 -54.05
C GLU E 20 -44.68 -1.30 -53.53
N LEU E 21 -44.79 -1.17 -52.20
CA LEU E 21 -44.87 0.15 -51.60
C LEU E 21 -43.53 0.85 -51.73
N ARG E 22 -42.45 0.07 -51.60
CA ARG E 22 -41.11 0.62 -51.79
C ARG E 22 -40.92 1.12 -53.22
N LEU E 23 -41.40 0.35 -54.20
CA LEU E 23 -41.22 0.68 -55.62
C LEU E 23 -42.10 1.87 -56.01
N SER E 24 -43.28 1.97 -55.41
CA SER E 24 -44.16 3.13 -55.54
C SER E 24 -43.70 4.33 -54.71
N GLN E 25 -42.65 4.17 -53.88
CA GLN E 25 -42.17 5.22 -52.97
C GLN E 25 -43.25 5.71 -51.99
N GLN E 26 -44.05 4.80 -51.45
CA GLN E 26 -45.06 5.20 -50.50
C GLN E 26 -44.70 4.71 -49.09
N LEU E 27 -45.01 5.56 -48.09
CA LEU E 27 -44.84 5.26 -46.66
C LEU E 27 -43.36 5.23 -46.27
N CYS E 28 -42.45 5.49 -47.21
CA CYS E 28 -41.04 5.43 -46.93
C CYS E 28 -40.68 6.54 -45.94
N ASP E 29 -39.57 6.33 -45.24
CA ASP E 29 -39.16 7.20 -44.15
C ASP E 29 -37.65 7.27 -44.09
N VAL E 30 -36.96 6.69 -45.07
CA VAL E 30 -35.51 6.85 -45.13
C VAL E 30 -35.12 6.95 -46.60
N THR E 31 -34.10 7.76 -46.89
CA THR E 31 -33.52 7.80 -48.23
C THR E 31 -32.04 7.53 -48.08
N LEU E 32 -31.58 6.50 -48.78
CA LEU E 32 -30.17 6.16 -48.75
C LEU E 32 -29.55 6.87 -49.94
N GLN E 33 -28.57 7.72 -49.66
CA GLN E 33 -27.90 8.51 -50.68
C GLN E 33 -26.52 7.91 -50.88
N VAL E 34 -26.28 7.32 -52.05
CA VAL E 34 -25.08 6.53 -52.26
C VAL E 34 -24.17 7.22 -53.27
N LYS E 35 -23.00 7.69 -52.79
CA LYS E 35 -22.04 8.47 -53.56
C LYS E 35 -20.84 7.61 -53.94
N TYR E 36 -20.63 7.42 -55.26
CA TYR E 36 -19.51 6.63 -55.76
C TYR E 36 -18.70 7.49 -56.74
N GLU E 37 -17.39 7.20 -56.83
CA GLU E 37 -16.46 7.99 -57.62
C GLU E 37 -16.89 8.02 -59.10
N ASP E 38 -16.94 9.25 -59.67
CA ASP E 38 -17.13 9.49 -61.09
C ASP E 38 -18.53 9.05 -61.57
N ILE E 39 -19.52 9.13 -60.68
CA ILE E 39 -20.91 8.75 -60.97
C ILE E 39 -21.81 9.64 -60.12
N PRO E 40 -22.99 10.08 -60.63
CA PRO E 40 -23.94 10.88 -59.84
C PRO E 40 -24.62 10.06 -58.74
N ALA E 41 -24.73 10.66 -57.54
CA ALA E 41 -25.32 10.02 -56.38
C ALA E 41 -26.63 9.33 -56.77
N ALA E 42 -26.83 8.09 -56.27
CA ALA E 42 -28.13 7.44 -56.40
C ALA E 42 -28.91 7.61 -55.10
N GLN E 43 -30.24 7.52 -55.22
CA GLN E 43 -31.13 7.63 -54.08
C GLN E 43 -32.08 6.45 -54.06
N PHE E 44 -32.10 5.73 -52.93
CA PHE E 44 -33.03 4.62 -52.72
C PHE E 44 -33.91 4.90 -51.51
N MET E 45 -35.21 5.04 -51.77
CA MET E 45 -36.21 5.13 -50.73
C MET E 45 -36.58 3.73 -50.22
N ALA E 46 -36.81 3.66 -48.90
CA ALA E 46 -37.06 2.43 -48.17
C ALA E 46 -37.75 2.73 -46.84
N HIS E 47 -38.19 1.64 -46.18
CA HIS E 47 -38.84 1.73 -44.87
C HIS E 47 -37.86 1.31 -43.78
N LYS E 48 -37.69 2.14 -42.76
CA LYS E 48 -36.67 1.87 -41.74
C LYS E 48 -36.88 0.53 -41.04
N VAL E 49 -38.13 0.14 -40.76
CA VAL E 49 -38.41 -1.13 -40.11
C VAL E 49 -37.96 -2.29 -40.98
N VAL E 50 -38.23 -2.20 -42.28
CA VAL E 50 -37.89 -3.32 -43.13
C VAL E 50 -36.37 -3.52 -43.12
N LEU E 51 -35.63 -2.42 -43.25
CA LEU E 51 -34.16 -2.49 -43.31
C LEU E 51 -33.64 -3.00 -41.97
N ALA E 52 -34.30 -2.58 -40.86
CA ALA E 52 -33.87 -3.03 -39.54
C ALA E 52 -34.11 -4.54 -39.39
N SER E 53 -35.18 -5.03 -40.02
CA SER E 53 -35.59 -6.42 -39.90
C SER E 53 -34.53 -7.41 -40.36
N SER E 54 -33.60 -6.97 -41.22
CA SER E 54 -32.61 -7.88 -41.81
C SER E 54 -31.20 -7.41 -41.44
N SER E 55 -31.06 -6.19 -40.91
CA SER E 55 -29.74 -5.65 -40.68
C SER E 55 -29.60 -5.08 -39.28
N PRO E 56 -28.82 -5.71 -38.37
CA PRO E 56 -28.49 -5.08 -37.08
C PRO E 56 -27.88 -3.68 -37.22
N VAL E 57 -27.15 -3.43 -38.30
CA VAL E 57 -26.51 -2.14 -38.40
C VAL E 57 -27.53 -1.03 -38.66
N PHE E 58 -28.48 -1.28 -39.58
CA PHE E 58 -29.57 -0.35 -39.86
C PHE E 58 -30.45 -0.22 -38.61
N LYS E 59 -30.61 -1.32 -37.88
CA LYS E 59 -31.45 -1.32 -36.70
C LYS E 59 -30.83 -0.37 -35.68
N ALA E 60 -29.53 -0.57 -35.39
CA ALA E 60 -28.84 0.34 -34.47
C ALA E 60 -28.83 1.79 -34.99
N MET E 61 -28.71 2.00 -36.30
CA MET E 61 -28.57 3.34 -36.85
C MET E 61 -29.90 4.10 -36.70
N PHE E 62 -31.03 3.39 -36.62
CA PHE E 62 -32.32 4.02 -36.66
C PHE E 62 -33.03 3.99 -35.30
N THR E 63 -32.51 3.23 -34.31
CA THR E 63 -33.05 3.20 -32.95
C THR E 63 -32.15 3.96 -31.96
N ASN E 64 -31.09 4.59 -32.47
CA ASN E 64 -30.09 5.25 -31.64
C ASN E 64 -30.02 6.73 -32.01
N GLY E 65 -29.82 7.54 -30.97
CA GLY E 65 -29.99 8.98 -31.04
C GLY E 65 -31.47 9.36 -30.93
N LEU E 66 -31.76 10.59 -31.36
CA LEU E 66 -33.11 11.15 -31.32
C LEU E 66 -34.00 10.54 -32.39
N ARG E 67 -35.31 10.79 -32.23
CA ARG E 67 -36.38 10.11 -32.94
C ARG E 67 -36.38 10.43 -34.43
N GLU E 68 -35.77 11.57 -34.81
CA GLU E 68 -35.37 11.82 -36.19
C GLU E 68 -36.55 11.72 -37.16
N GLN E 69 -37.79 11.90 -36.68
CA GLN E 69 -38.95 11.51 -37.48
C GLN E 69 -39.15 12.52 -38.63
N GLY E 70 -39.87 12.08 -39.67
CA GLY E 70 -39.82 12.69 -41.00
C GLY E 70 -39.01 11.81 -41.96
N MET E 71 -38.65 12.36 -43.12
CA MET E 71 -37.75 11.66 -44.04
C MET E 71 -36.32 11.90 -43.59
N GLU E 72 -35.59 10.84 -43.23
CA GLU E 72 -34.19 10.90 -42.87
C GLU E 72 -33.39 10.53 -44.11
N VAL E 73 -32.30 11.27 -44.32
CA VAL E 73 -31.41 11.05 -45.44
C VAL E 73 -30.08 10.57 -44.86
N VAL E 74 -29.59 9.46 -45.39
CA VAL E 74 -28.41 8.82 -44.85
C VAL E 74 -27.36 8.74 -45.94
N SER E 75 -26.24 9.40 -45.72
CA SER E 75 -25.13 9.37 -46.66
C SER E 75 -24.35 8.07 -46.47
N ILE E 76 -24.12 7.37 -47.59
CA ILE E 76 -23.37 6.14 -47.57
C ILE E 76 -22.17 6.29 -48.49
N GLU E 77 -20.99 5.85 -48.03
CA GLU E 77 -19.80 5.97 -48.87
C GLU E 77 -19.15 4.61 -49.01
N GLY E 78 -18.45 4.40 -50.14
CA GLY E 78 -17.60 3.23 -50.36
C GLY E 78 -18.38 1.97 -50.71
N ILE E 79 -19.57 2.13 -51.31
CA ILE E 79 -20.36 1.02 -51.82
C ILE E 79 -21.07 1.47 -53.10
N HIS E 80 -20.83 0.77 -54.20
CA HIS E 80 -21.54 1.09 -55.43
C HIS E 80 -23.06 1.10 -55.18
N PRO E 81 -23.83 2.04 -55.77
CA PRO E 81 -25.29 1.99 -55.70
C PRO E 81 -25.89 0.64 -56.09
N LYS E 82 -25.25 -0.06 -57.04
CA LYS E 82 -25.75 -1.33 -57.51
C LYS E 82 -25.61 -2.42 -56.45
N VAL E 83 -24.61 -2.29 -55.57
CA VAL E 83 -24.41 -3.23 -54.47
C VAL E 83 -25.53 -3.01 -53.44
N MET E 84 -25.75 -1.75 -53.07
CA MET E 84 -26.77 -1.37 -52.12
C MET E 84 -28.15 -1.78 -52.64
N GLU E 85 -28.39 -1.52 -53.92
CA GLU E 85 -29.67 -1.80 -54.55
C GLU E 85 -30.04 -3.26 -54.29
N ARG E 86 -29.06 -4.16 -54.45
CA ARG E 86 -29.25 -5.60 -54.30
C ARG E 86 -29.45 -5.98 -52.83
N LEU E 87 -28.73 -5.33 -51.89
CA LEU E 87 -28.91 -5.54 -50.45
C LEU E 87 -30.32 -5.15 -50.02
N ILE E 88 -30.80 -4.00 -50.50
CA ILE E 88 -32.17 -3.56 -50.29
C ILE E 88 -33.16 -4.56 -50.89
N GLU E 89 -32.98 -4.95 -52.17
CA GLU E 89 -33.82 -5.95 -52.78
C GLU E 89 -33.84 -7.23 -51.96
N PHE E 90 -32.69 -7.66 -51.49
CA PHE E 90 -32.68 -8.89 -50.72
C PHE E 90 -33.62 -8.73 -49.51
N ALA E 91 -33.49 -7.61 -48.79
CA ALA E 91 -34.21 -7.41 -47.55
C ALA E 91 -35.70 -7.53 -47.79
N TYR E 92 -36.13 -7.01 -48.95
CA TYR E 92 -37.54 -7.00 -49.33
C TYR E 92 -38.02 -8.24 -50.13
N THR E 93 -37.13 -9.11 -50.64
CA THR E 93 -37.56 -10.23 -51.51
C THR E 93 -37.01 -11.60 -51.08
N ALA E 94 -35.86 -11.64 -50.39
CA ALA E 94 -35.26 -12.89 -49.95
C ALA E 94 -34.26 -13.43 -50.98
N SER E 95 -34.09 -12.66 -52.06
CA SER E 95 -33.29 -13.10 -53.19
C SER E 95 -32.21 -12.08 -53.56
N ILE E 96 -31.05 -12.63 -53.93
CA ILE E 96 -29.97 -11.82 -54.47
C ILE E 96 -29.28 -12.60 -55.59
N SER E 97 -28.97 -11.87 -56.67
CA SER E 97 -28.26 -12.41 -57.83
C SER E 97 -27.05 -11.52 -58.17
N VAL E 98 -25.84 -12.10 -58.19
CA VAL E 98 -24.69 -11.31 -58.59
C VAL E 98 -23.70 -12.15 -59.41
N GLY E 99 -23.08 -11.51 -60.41
CA GLY E 99 -22.04 -12.17 -61.20
C GLY E 99 -20.83 -12.54 -60.36
N GLU E 100 -20.27 -13.74 -60.59
CA GLU E 100 -19.17 -14.28 -59.77
C GLU E 100 -18.06 -13.25 -59.52
N LYS E 101 -17.73 -12.40 -60.49
CA LYS E 101 -16.53 -11.58 -60.30
C LYS E 101 -16.80 -10.46 -59.30
N CYS E 102 -18.08 -10.17 -59.03
CA CYS E 102 -18.45 -9.12 -58.11
C CYS E 102 -18.97 -9.66 -56.76
N VAL E 103 -18.79 -10.96 -56.46
CA VAL E 103 -19.34 -11.55 -55.25
C VAL E 103 -18.64 -10.99 -54.01
N LEU E 104 -17.35 -10.76 -54.11
CA LEU E 104 -16.57 -10.26 -53.00
C LEU E 104 -16.98 -8.85 -52.59
N HIS E 105 -17.50 -8.04 -53.50
CA HIS E 105 -17.92 -6.68 -53.17
C HIS E 105 -19.36 -6.63 -52.68
N VAL E 106 -20.16 -7.67 -52.97
CA VAL E 106 -21.49 -7.81 -52.40
C VAL E 106 -21.33 -8.35 -50.97
N MET E 107 -20.43 -9.32 -50.79
CA MET E 107 -20.14 -9.84 -49.48
C MET E 107 -19.68 -8.70 -48.57
N ASN E 108 -18.74 -7.89 -49.05
CA ASN E 108 -18.21 -6.77 -48.29
C ASN E 108 -19.35 -5.84 -47.87
N GLY E 109 -20.20 -5.50 -48.82
CA GLY E 109 -21.37 -4.68 -48.50
C GLY E 109 -22.23 -5.35 -47.43
N ALA E 110 -22.43 -6.66 -47.56
CA ALA E 110 -23.30 -7.42 -46.67
C ALA E 110 -22.69 -7.42 -45.28
N VAL E 111 -21.38 -7.55 -45.25
CA VAL E 111 -20.62 -7.49 -44.01
C VAL E 111 -20.83 -6.14 -43.35
N MET E 112 -20.80 -5.04 -44.12
CA MET E 112 -20.89 -3.72 -43.52
C MET E 112 -22.23 -3.55 -42.82
N TYR E 113 -23.29 -4.18 -43.36
CA TYR E 113 -24.65 -4.03 -42.85
C TYR E 113 -25.05 -5.28 -42.06
N GLN E 114 -24.09 -6.19 -41.84
CA GLN E 114 -24.29 -7.39 -41.07
C GLN E 114 -25.58 -8.11 -41.48
N ILE E 115 -25.80 -8.26 -42.78
CA ILE E 115 -26.81 -9.19 -43.26
C ILE E 115 -26.15 -10.55 -43.32
N ASP E 116 -26.29 -11.33 -42.24
CA ASP E 116 -25.48 -12.52 -42.03
C ASP E 116 -25.76 -13.59 -43.08
N SER E 117 -27.01 -13.76 -43.50
CA SER E 117 -27.34 -14.86 -44.39
C SER E 117 -26.61 -14.71 -45.73
N VAL E 118 -26.54 -13.48 -46.26
CA VAL E 118 -25.85 -13.28 -47.52
C VAL E 118 -24.34 -13.30 -47.29
N VAL E 119 -23.87 -12.92 -46.10
CA VAL E 119 -22.46 -13.04 -45.81
C VAL E 119 -22.08 -14.50 -45.92
N ARG E 120 -22.87 -15.39 -45.30
CA ARG E 120 -22.56 -16.81 -45.30
C ARG E 120 -22.65 -17.37 -46.71
N ALA E 121 -23.70 -16.98 -47.45
CA ALA E 121 -23.89 -17.52 -48.78
C ALA E 121 -22.71 -17.16 -49.67
N CYS E 122 -22.31 -15.88 -49.67
CA CYS E 122 -21.25 -15.36 -50.49
C CYS E 122 -19.93 -16.07 -50.14
N ALA E 123 -19.70 -16.27 -48.86
CA ALA E 123 -18.45 -16.89 -48.43
C ALA E 123 -18.40 -18.32 -48.94
N ASP E 124 -19.52 -19.05 -48.89
CA ASP E 124 -19.58 -20.44 -49.36
C ASP E 124 -19.26 -20.55 -50.85
N PHE E 125 -19.90 -19.68 -51.64
CA PHE E 125 -19.62 -19.57 -53.06
C PHE E 125 -18.12 -19.36 -53.34
N LEU E 126 -17.46 -18.45 -52.61
CA LEU E 126 -16.09 -18.06 -52.87
C LEU E 126 -15.13 -19.20 -52.56
N VAL E 127 -15.46 -20.04 -51.59
CA VAL E 127 -14.77 -21.31 -51.45
C VAL E 127 -15.53 -22.35 -52.31
N ARG F 1 -19.75 -17.15 -64.15
CA ARG F 1 -20.84 -17.81 -63.36
C ARG F 1 -21.73 -16.76 -62.69
N THR F 2 -22.92 -17.22 -62.25
CA THR F 2 -23.83 -16.39 -61.50
C THR F 2 -23.94 -16.95 -60.08
N PHE F 3 -23.84 -16.04 -59.10
CA PHE F 3 -24.18 -16.36 -57.72
C PHE F 3 -25.66 -16.05 -57.50
N SER F 4 -26.44 -17.07 -57.12
CA SER F 4 -27.86 -16.92 -56.78
C SER F 4 -28.10 -17.48 -55.38
N TYR F 5 -28.81 -16.68 -54.57
CA TYR F 5 -29.15 -17.08 -53.22
C TYR F 5 -30.53 -16.56 -52.87
N THR F 6 -31.32 -17.42 -52.22
CA THR F 6 -32.54 -16.98 -51.56
C THR F 6 -32.62 -17.73 -50.25
N LEU F 7 -32.96 -17.00 -49.20
CA LEU F 7 -33.16 -17.58 -47.88
C LEU F 7 -34.63 -17.98 -47.76
N GLU F 8 -34.95 -19.26 -47.55
CA GLU F 8 -36.32 -19.71 -47.73
C GLU F 8 -37.21 -19.17 -46.60
N ASP F 9 -36.57 -18.86 -45.47
CA ASP F 9 -37.22 -18.54 -44.22
C ASP F 9 -37.26 -17.01 -44.01
N HIS F 10 -36.76 -16.24 -44.97
CA HIS F 10 -36.41 -14.85 -44.71
C HIS F 10 -37.59 -14.00 -44.20
N THR F 11 -38.76 -14.10 -44.84
CA THR F 11 -39.89 -13.28 -44.43
C THR F 11 -40.36 -13.63 -42.99
N LYS F 12 -40.13 -14.87 -42.52
CA LYS F 12 -40.52 -15.26 -41.17
C LYS F 12 -39.57 -14.64 -40.14
N GLN F 13 -38.27 -14.79 -40.40
CA GLN F 13 -37.26 -14.24 -39.53
C GLN F 13 -37.42 -12.73 -39.42
N ALA F 14 -37.71 -12.10 -40.57
CA ALA F 14 -37.81 -10.65 -40.64
C ALA F 14 -39.01 -10.15 -39.85
N PHE F 15 -40.15 -10.80 -40.00
CA PHE F 15 -41.34 -10.41 -39.26
C PHE F 15 -41.08 -10.66 -37.79
N GLY F 16 -40.23 -11.65 -37.46
CA GLY F 16 -39.87 -11.89 -36.08
C GLY F 16 -39.20 -10.66 -35.49
N VAL F 17 -38.26 -10.08 -36.24
CA VAL F 17 -37.55 -8.89 -35.79
C VAL F 17 -38.49 -7.68 -35.76
N MET F 18 -39.33 -7.50 -36.77
CA MET F 18 -40.24 -6.37 -36.76
C MET F 18 -41.19 -6.46 -35.56
N ASN F 19 -41.59 -7.67 -35.17
CA ASN F 19 -42.44 -7.86 -34.02
C ASN F 19 -41.67 -7.48 -32.74
N GLU F 20 -40.42 -7.93 -32.62
CA GLU F 20 -39.56 -7.52 -31.52
C GLU F 20 -39.55 -5.99 -31.37
N LEU F 21 -39.36 -5.26 -32.50
CA LEU F 21 -39.31 -3.80 -32.49
C LEU F 21 -40.67 -3.24 -32.09
N ARG F 22 -41.77 -3.91 -32.46
CA ARG F 22 -43.07 -3.42 -32.02
C ARG F 22 -43.15 -3.50 -30.49
N LEU F 23 -42.78 -4.64 -29.92
CA LEU F 23 -42.95 -4.90 -28.49
C LEU F 23 -42.01 -4.01 -27.68
N SER F 24 -40.83 -3.72 -28.23
CA SER F 24 -39.85 -2.82 -27.64
C SER F 24 -40.22 -1.38 -27.93
N GLN F 25 -41.30 -1.15 -28.68
CA GLN F 25 -41.72 0.21 -29.00
C GLN F 25 -40.58 0.97 -29.69
N GLN F 26 -39.95 0.36 -30.70
CA GLN F 26 -38.96 1.03 -31.53
C GLN F 26 -39.44 1.20 -32.98
N LEU F 27 -39.06 2.35 -33.57
CA LEU F 27 -39.32 2.76 -34.95
C LEU F 27 -40.82 2.91 -35.24
N CYS F 28 -41.66 2.89 -34.23
CA CYS F 28 -43.09 2.96 -34.43
C CYS F 28 -43.45 4.37 -34.89
N ASP F 29 -44.50 4.45 -35.73
CA ASP F 29 -44.83 5.70 -36.44
C ASP F 29 -46.33 5.94 -36.43
N VAL F 30 -47.06 5.09 -35.70
CA VAL F 30 -48.51 5.18 -35.62
C VAL F 30 -48.91 4.64 -34.24
N THR F 31 -49.90 5.29 -33.63
CA THR F 31 -50.46 4.86 -32.37
C THR F 31 -51.95 4.75 -32.63
N LEU F 32 -52.48 3.55 -32.56
CA LEU F 32 -53.91 3.34 -32.63
C LEU F 32 -54.52 3.59 -31.24
N GLN F 33 -55.47 4.54 -31.16
CA GLN F 33 -56.23 4.78 -29.95
C GLN F 33 -57.60 4.12 -30.04
N VAL F 34 -57.81 3.04 -29.28
CA VAL F 34 -58.96 2.15 -29.43
C VAL F 34 -59.93 2.34 -28.25
N LYS F 35 -61.08 2.98 -28.55
CA LYS F 35 -62.07 3.38 -27.57
C LYS F 35 -63.21 2.37 -27.57
N TYR F 36 -63.59 1.94 -26.38
CA TYR F 36 -64.78 1.13 -26.16
C TYR F 36 -65.51 1.62 -24.91
N GLU F 37 -66.83 1.32 -24.86
CA GLU F 37 -67.72 1.82 -23.82
C GLU F 37 -67.25 1.38 -22.44
N ASP F 38 -67.13 2.37 -21.54
CA ASP F 38 -66.95 2.16 -20.10
C ASP F 38 -65.56 1.60 -19.81
N ILE F 39 -64.58 1.91 -20.68
CA ILE F 39 -63.23 1.40 -20.59
C ILE F 39 -62.33 2.51 -21.14
N PRO F 40 -61.14 2.75 -20.55
CA PRO F 40 -60.21 3.76 -21.06
C PRO F 40 -59.72 3.37 -22.46
N ALA F 41 -59.33 4.35 -23.27
CA ALA F 41 -58.85 4.09 -24.62
C ALA F 41 -57.43 3.48 -24.56
N ALA F 42 -57.32 2.31 -25.19
CA ALA F 42 -56.11 1.52 -25.24
C ALA F 42 -55.27 1.90 -26.46
N GLN F 43 -54.01 2.25 -26.21
CA GLN F 43 -53.08 2.72 -27.21
C GLN F 43 -52.09 1.64 -27.62
N PHE F 44 -52.02 1.37 -28.93
CA PHE F 44 -51.15 0.36 -29.50
C PHE F 44 -50.23 1.04 -30.50
N MET F 45 -48.92 0.93 -30.26
CA MET F 45 -47.90 1.49 -31.14
C MET F 45 -47.50 0.41 -32.14
N ALA F 46 -47.38 0.84 -33.40
CA ALA F 46 -47.10 -0.08 -34.50
C ALA F 46 -46.38 0.68 -35.62
N HIS F 47 -46.08 -0.05 -36.69
CA HIS F 47 -45.46 0.50 -37.90
C HIS F 47 -46.50 0.51 -39.03
N LYS F 48 -46.67 1.67 -39.68
CA LYS F 48 -47.63 1.84 -40.76
C LYS F 48 -47.43 0.83 -41.89
N VAL F 49 -46.17 0.66 -42.35
CA VAL F 49 -45.85 -0.29 -43.41
C VAL F 49 -46.46 -1.64 -43.07
N VAL F 50 -46.21 -2.12 -41.85
CA VAL F 50 -46.53 -3.49 -41.52
C VAL F 50 -48.03 -3.68 -41.55
N LEU F 51 -48.74 -2.73 -40.93
CA LEU F 51 -50.20 -2.78 -40.91
C LEU F 51 -50.69 -2.71 -42.35
N ALA F 52 -50.09 -1.81 -43.15
CA ALA F 52 -50.42 -1.63 -44.56
C ALA F 52 -50.19 -2.91 -45.36
N SER F 53 -49.15 -3.67 -44.97
CA SER F 53 -48.82 -4.89 -45.66
C SER F 53 -49.90 -5.98 -45.51
N SER F 54 -50.80 -5.86 -44.54
CA SER F 54 -51.65 -6.98 -44.17
C SER F 54 -53.12 -6.60 -44.28
N SER F 55 -53.42 -5.30 -44.43
CA SER F 55 -54.77 -4.78 -44.42
C SER F 55 -54.90 -3.64 -45.44
N PRO F 56 -55.70 -3.84 -46.51
CA PRO F 56 -56.02 -2.77 -47.46
C PRO F 56 -56.63 -1.51 -46.85
N VAL F 57 -57.39 -1.68 -45.75
CA VAL F 57 -57.99 -0.55 -45.07
C VAL F 57 -56.90 0.33 -44.46
N PHE F 58 -55.92 -0.28 -43.79
CA PHE F 58 -54.83 0.50 -43.20
C PHE F 58 -53.96 1.08 -44.31
N LYS F 59 -53.81 0.32 -45.41
CA LYS F 59 -52.96 0.73 -46.51
C LYS F 59 -53.53 2.00 -47.13
N ALA F 60 -54.84 1.97 -47.42
CA ALA F 60 -55.58 3.16 -47.86
C ALA F 60 -55.43 4.31 -46.86
N MET F 61 -55.56 4.05 -45.56
CA MET F 61 -55.64 5.08 -44.53
C MET F 61 -54.31 5.84 -44.41
N PHE F 62 -53.20 5.16 -44.72
CA PHE F 62 -51.86 5.74 -44.55
C PHE F 62 -51.22 6.15 -45.87
N THR F 63 -51.82 5.86 -47.05
CA THR F 63 -51.26 6.33 -48.33
C THR F 63 -51.98 7.58 -48.83
N ASN F 64 -53.24 7.77 -48.40
CA ASN F 64 -54.18 8.68 -49.05
C ASN F 64 -53.96 10.12 -48.63
N GLY F 65 -53.60 10.37 -47.35
CA GLY F 65 -53.09 11.67 -46.98
C GLY F 65 -51.91 12.04 -47.88
N LEU F 66 -51.64 13.35 -48.01
CA LEU F 66 -50.50 13.84 -48.79
C LEU F 66 -49.22 13.56 -48.01
N ARG F 67 -49.14 14.09 -46.78
CA ARG F 67 -48.06 13.81 -45.86
C ARG F 67 -48.59 13.77 -44.42
N GLU F 68 -47.96 12.90 -43.60
CA GLU F 68 -48.44 12.57 -42.28
C GLU F 68 -47.27 12.18 -41.36
N GLN F 69 -46.08 12.70 -41.66
CA GLN F 69 -44.83 12.22 -41.09
C GLN F 69 -44.77 12.57 -39.60
N GLY F 70 -44.01 11.75 -38.86
CA GLY F 70 -44.04 11.73 -37.41
C GLY F 70 -45.02 10.68 -36.88
N MET F 71 -45.15 10.63 -35.55
CA MET F 71 -46.15 9.79 -34.90
C MET F 71 -47.56 10.33 -35.20
N GLU F 72 -48.34 9.57 -35.96
CA GLU F 72 -49.75 9.87 -36.16
C GLU F 72 -50.58 9.08 -35.15
N VAL F 73 -51.57 9.74 -34.55
CA VAL F 73 -52.52 9.10 -33.66
C VAL F 73 -53.81 8.89 -34.44
N VAL F 74 -54.45 7.74 -34.24
CA VAL F 74 -55.60 7.33 -35.04
C VAL F 74 -56.69 6.82 -34.09
N SER F 75 -57.74 7.63 -33.90
CA SER F 75 -58.88 7.23 -33.10
C SER F 75 -59.65 6.15 -33.84
N ILE F 76 -60.08 5.14 -33.08
CA ILE F 76 -60.77 3.96 -33.61
C ILE F 76 -61.92 3.65 -32.69
N GLU F 77 -63.09 3.34 -33.27
CA GLU F 77 -64.31 3.08 -32.50
C GLU F 77 -64.99 1.82 -33.00
N GLY F 78 -65.70 1.14 -32.11
CA GLY F 78 -66.50 -0.02 -32.43
C GLY F 78 -65.72 -1.34 -32.43
N ILE F 79 -64.53 -1.38 -31.83
CA ILE F 79 -63.81 -2.65 -31.68
C ILE F 79 -63.11 -2.68 -30.34
N HIS F 80 -63.39 -3.74 -29.58
CA HIS F 80 -62.71 -3.90 -28.31
C HIS F 80 -61.20 -3.85 -28.53
N PRO F 81 -60.41 -3.17 -27.67
CA PRO F 81 -58.94 -3.27 -27.71
C PRO F 81 -58.30 -4.65 -27.91
N LYS F 82 -58.89 -5.68 -27.30
CA LYS F 82 -58.42 -7.07 -27.31
C LYS F 82 -58.66 -7.69 -28.69
N VAL F 83 -59.72 -7.25 -29.41
CA VAL F 83 -59.91 -7.67 -30.80
C VAL F 83 -58.83 -7.03 -31.68
N MET F 84 -58.59 -5.74 -31.49
CA MET F 84 -57.54 -5.05 -32.24
C MET F 84 -56.18 -5.64 -31.90
N GLU F 85 -56.00 -6.09 -30.65
CA GLU F 85 -54.70 -6.61 -30.23
C GLU F 85 -54.40 -7.83 -31.07
N ARG F 86 -55.42 -8.65 -31.33
CA ARG F 86 -55.23 -9.91 -32.03
C ARG F 86 -55.08 -9.70 -33.54
N LEU F 87 -55.69 -8.66 -34.10
CA LEU F 87 -55.49 -8.35 -35.52
C LEU F 87 -54.08 -7.82 -35.76
N ILE F 88 -53.56 -6.99 -34.85
CA ILE F 88 -52.17 -6.52 -34.90
C ILE F 88 -51.19 -7.69 -34.75
N GLU F 89 -51.39 -8.55 -33.74
CA GLU F 89 -50.56 -9.74 -33.58
C GLU F 89 -50.59 -10.58 -34.85
N PHE F 90 -51.77 -10.73 -35.47
CA PHE F 90 -51.87 -11.51 -36.69
C PHE F 90 -51.01 -10.85 -37.77
N ALA F 91 -51.20 -9.54 -38.01
CA ALA F 91 -50.37 -8.82 -38.99
C ALA F 91 -48.89 -9.12 -38.84
N TYR F 92 -48.42 -9.24 -37.60
CA TYR F 92 -47.00 -9.27 -37.31
C TYR F 92 -46.52 -10.70 -37.07
N THR F 93 -47.43 -11.69 -36.93
CA THR F 93 -46.97 -13.06 -36.72
C THR F 93 -47.61 -14.10 -37.65
N ALA F 94 -48.72 -13.77 -38.35
CA ALA F 94 -49.45 -14.71 -39.23
C ALA F 94 -50.40 -15.62 -38.46
N SER F 95 -50.42 -15.52 -37.13
CA SER F 95 -51.31 -16.36 -36.35
C SER F 95 -52.29 -15.52 -35.53
N ILE F 96 -53.42 -16.17 -35.20
CA ILE F 96 -54.42 -15.60 -34.32
C ILE F 96 -55.02 -16.73 -33.50
N SER F 97 -55.18 -16.46 -32.19
CA SER F 97 -55.84 -17.39 -31.28
C SER F 97 -56.92 -16.68 -30.45
N VAL F 98 -58.16 -17.16 -30.52
CA VAL F 98 -59.26 -16.54 -29.79
C VAL F 98 -60.17 -17.64 -29.21
N GLY F 99 -60.77 -17.36 -28.03
CA GLY F 99 -61.86 -18.17 -27.49
C GLY F 99 -62.98 -18.34 -28.51
N GLU F 100 -63.54 -19.55 -28.61
CA GLU F 100 -64.49 -19.86 -29.67
C GLU F 100 -65.74 -18.99 -29.54
N LYS F 101 -66.13 -18.67 -28.31
CA LYS F 101 -67.38 -17.96 -28.10
C LYS F 101 -67.26 -16.52 -28.60
N CYS F 102 -66.04 -16.02 -28.84
CA CYS F 102 -65.86 -14.64 -29.28
C CYS F 102 -65.46 -14.55 -30.75
N VAL F 103 -65.54 -15.66 -31.50
CA VAL F 103 -65.04 -15.68 -32.87
C VAL F 103 -65.81 -14.70 -33.73
N LEU F 104 -67.10 -14.53 -33.45
CA LEU F 104 -67.95 -13.71 -34.31
C LEU F 104 -67.45 -12.26 -34.28
N HIS F 105 -67.02 -11.77 -33.11
CA HIS F 105 -66.60 -10.38 -32.99
C HIS F 105 -65.19 -10.17 -33.54
N VAL F 106 -64.34 -11.21 -33.47
CA VAL F 106 -63.02 -11.12 -34.09
C VAL F 106 -63.22 -11.03 -35.60
N MET F 107 -64.12 -11.87 -36.15
CA MET F 107 -64.45 -11.85 -37.57
C MET F 107 -64.82 -10.42 -37.96
N ASN F 108 -65.73 -9.84 -37.18
CA ASN F 108 -66.21 -8.50 -37.46
C ASN F 108 -65.09 -7.47 -37.47
N GLY F 109 -64.16 -7.57 -36.52
CA GLY F 109 -62.97 -6.72 -36.53
C GLY F 109 -62.14 -6.90 -37.80
N ALA F 110 -61.99 -8.16 -38.23
CA ALA F 110 -61.20 -8.47 -39.40
C ALA F 110 -61.90 -7.95 -40.65
N VAL F 111 -63.24 -8.01 -40.67
CA VAL F 111 -64.02 -7.51 -41.79
C VAL F 111 -63.79 -6.00 -41.92
N MET F 112 -63.77 -5.30 -40.80
CA MET F 112 -63.62 -3.86 -40.81
C MET F 112 -62.27 -3.45 -41.42
N TYR F 113 -61.21 -4.25 -41.22
CA TYR F 113 -59.87 -3.91 -41.71
C TYR F 113 -59.53 -4.73 -42.93
N GLN F 114 -60.46 -5.60 -43.34
CA GLN F 114 -60.39 -6.36 -44.59
C GLN F 114 -59.19 -7.30 -44.56
N ILE F 115 -59.04 -8.00 -43.44
CA ILE F 115 -58.06 -9.04 -43.32
C ILE F 115 -58.71 -10.35 -43.75
N ASP F 116 -58.73 -10.56 -45.07
CA ASP F 116 -59.62 -11.55 -45.69
C ASP F 116 -59.40 -12.96 -45.13
N SER F 117 -58.14 -13.36 -44.92
CA SER F 117 -57.81 -14.73 -44.53
C SER F 117 -58.43 -15.08 -43.19
N VAL F 118 -58.42 -14.12 -42.26
CA VAL F 118 -58.99 -14.41 -40.96
C VAL F 118 -60.51 -14.22 -41.00
N VAL F 119 -61.05 -13.33 -41.83
CA VAL F 119 -62.49 -13.36 -42.13
C VAL F 119 -62.88 -14.77 -42.56
N ARG F 120 -62.22 -15.32 -43.60
CA ARG F 120 -62.55 -16.64 -44.12
C ARG F 120 -62.47 -17.69 -43.02
N ALA F 121 -61.41 -17.64 -42.21
CA ALA F 121 -61.16 -18.71 -41.26
C ALA F 121 -62.24 -18.74 -40.19
N CYS F 122 -62.57 -17.54 -39.70
CA CYS F 122 -63.62 -17.36 -38.71
C CYS F 122 -64.98 -17.79 -39.25
N ALA F 123 -65.31 -17.32 -40.47
CA ALA F 123 -66.56 -17.67 -41.13
C ALA F 123 -66.73 -19.19 -41.24
N ASP F 124 -65.68 -19.90 -41.67
CA ASP F 124 -65.70 -21.35 -41.80
C ASP F 124 -65.99 -22.01 -40.45
N PHE F 125 -65.24 -21.61 -39.41
CA PHE F 125 -65.40 -22.15 -38.07
C PHE F 125 -66.88 -22.06 -37.63
N LEU F 126 -67.49 -20.86 -37.74
CA LEU F 126 -68.84 -20.58 -37.26
C LEU F 126 -69.89 -21.43 -37.99
N VAL F 127 -69.65 -21.72 -39.28
CA VAL F 127 -70.52 -22.51 -40.12
C VAL F 127 -70.48 -23.99 -39.74
N GLN F 128 -69.35 -24.47 -39.24
CA GLN F 128 -69.22 -25.86 -38.81
C GLN F 128 -69.59 -25.97 -37.34
N GLN F 129 -70.67 -25.27 -36.96
CA GLN F 129 -71.43 -25.54 -35.76
C GLN F 129 -72.91 -25.52 -36.14
N ARG G 1 28.28 -1.61 68.58
CA ARG G 1 29.08 -2.83 68.27
C ARG G 1 29.72 -2.77 66.88
N THR G 2 30.00 -1.56 66.38
CA THR G 2 30.70 -1.38 65.11
C THR G 2 31.81 -0.35 65.32
N PHE G 3 32.99 -0.72 64.83
CA PHE G 3 34.10 0.20 64.65
C PHE G 3 34.15 0.74 63.22
N SER G 4 34.23 2.07 63.11
CA SER G 4 34.25 2.75 61.83
C SER G 4 35.43 3.73 61.74
N TYR G 5 36.09 3.75 60.59
CA TYR G 5 37.22 4.66 60.43
C TYR G 5 37.26 5.10 58.97
N THR G 6 37.49 6.41 58.76
CA THR G 6 37.77 6.89 57.44
C THR G 6 38.95 7.86 57.57
N LEU G 7 39.92 7.68 56.68
CA LEU G 7 41.03 8.59 56.49
C LEU G 7 40.62 9.60 55.42
N GLU G 8 40.58 10.88 55.81
CA GLU G 8 40.09 11.96 54.97
C GLU G 8 41.05 12.24 53.81
N ASP G 9 42.34 11.97 54.02
CA ASP G 9 43.40 12.39 53.12
C ASP G 9 43.70 11.26 52.11
N HIS G 10 43.01 10.14 52.23
CA HIS G 10 43.37 8.90 51.58
C HIS G 10 43.50 9.05 50.07
N THR G 11 42.52 9.70 49.45
CA THR G 11 42.41 9.66 48.00
C THR G 11 43.45 10.60 47.41
N LYS G 12 43.79 11.71 48.09
CA LYS G 12 44.93 12.53 47.71
C LYS G 12 46.25 11.77 47.86
N GLN G 13 46.42 11.04 48.96
CA GLN G 13 47.65 10.29 49.18
C GLN G 13 47.81 9.28 48.05
N ALA G 14 46.73 8.55 47.77
CA ALA G 14 46.78 7.47 46.80
C ALA G 14 47.03 8.02 45.41
N PHE G 15 46.47 9.20 45.11
CA PHE G 15 46.72 9.78 43.80
C PHE G 15 48.20 10.15 43.70
N GLY G 16 48.79 10.67 44.81
CA GLY G 16 50.20 11.05 44.85
C GLY G 16 51.10 9.87 44.46
N VAL G 17 50.78 8.66 44.93
CA VAL G 17 51.51 7.46 44.61
C VAL G 17 51.22 7.04 43.18
N MET G 18 49.96 7.07 42.73
CA MET G 18 49.64 6.69 41.36
C MET G 18 50.35 7.62 40.37
N ASN G 19 50.49 8.91 40.71
CA ASN G 19 51.24 9.85 39.88
C ASN G 19 52.73 9.49 39.85
N GLU G 20 53.33 9.13 41.00
CA GLU G 20 54.73 8.72 41.05
C GLU G 20 54.94 7.51 40.12
N LEU G 21 54.02 6.53 40.21
CA LEU G 21 54.08 5.33 39.36
C LEU G 21 53.96 5.69 37.88
N ARG G 22 53.22 6.76 37.56
CA ARG G 22 53.09 7.19 36.18
C ARG G 22 54.41 7.79 35.69
N LEU G 23 55.04 8.62 36.54
CA LEU G 23 56.32 9.27 36.20
C LEU G 23 57.47 8.26 36.14
N SER G 24 57.51 7.29 37.07
CA SER G 24 58.38 6.10 37.01
C SER G 24 58.03 5.16 35.86
N GLN G 25 56.89 5.36 35.19
CA GLN G 25 56.44 4.46 34.13
C GLN G 25 56.29 3.04 34.66
N GLN G 26 55.59 2.86 35.78
CA GLN G 26 55.34 1.55 36.32
C GLN G 26 53.86 1.25 36.35
N LEU G 27 53.53 -0.01 36.07
CA LEU G 27 52.19 -0.57 36.13
C LEU G 27 51.34 0.07 35.03
N CYS G 28 51.97 0.73 34.07
CA CYS G 28 51.22 1.36 32.99
C CYS G 28 50.70 0.31 32.01
N ASP G 29 49.49 0.56 31.49
CA ASP G 29 48.85 -0.37 30.58
C ASP G 29 48.25 0.36 29.37
N VAL G 30 48.62 1.62 29.16
CA VAL G 30 48.22 2.33 27.96
C VAL G 30 49.34 3.29 27.59
N THR G 31 49.64 3.38 26.30
CA THR G 31 50.54 4.39 25.80
C THR G 31 49.72 5.25 24.85
N LEU G 32 49.62 6.54 25.18
CA LEU G 32 48.96 7.48 24.30
C LEU G 32 49.98 8.03 23.32
N GLN G 33 49.70 7.81 22.03
CA GLN G 33 50.60 8.17 20.94
C GLN G 33 50.03 9.36 20.21
N VAL G 34 50.58 10.54 20.51
CA VAL G 34 49.91 11.79 20.21
C VAL G 34 50.64 12.47 19.06
N LYS G 35 49.99 12.46 17.87
CA LYS G 35 50.52 13.00 16.63
C LYS G 35 49.99 14.42 16.37
N TYR G 36 50.91 15.35 16.08
CA TYR G 36 50.55 16.69 15.66
C TYR G 36 51.40 17.11 14.46
N GLU G 37 50.87 18.00 13.61
CA GLU G 37 51.55 18.41 12.38
C GLU G 37 52.95 18.95 12.69
N ASP G 38 53.94 18.51 11.88
CA ASP G 38 55.27 19.12 11.79
C ASP G 38 56.11 18.93 13.05
N ILE G 39 55.72 17.92 13.85
CA ILE G 39 56.38 17.55 15.11
C ILE G 39 56.23 16.05 15.23
N PRO G 40 57.26 15.33 15.71
CA PRO G 40 57.17 13.88 15.81
C PRO G 40 56.21 13.53 16.96
N ALA G 41 55.59 12.36 16.83
CA ALA G 41 54.64 11.82 17.78
C ALA G 41 55.29 11.75 19.16
N ALA G 42 54.49 11.98 20.20
CA ALA G 42 54.94 11.90 21.59
C ALA G 42 54.16 10.79 22.28
N GLN G 43 54.82 10.18 23.27
CA GLN G 43 54.25 9.04 23.96
C GLN G 43 54.06 9.43 25.42
N PHE G 44 52.87 9.11 25.95
CA PHE G 44 52.60 9.22 27.36
C PHE G 44 52.10 7.89 27.89
N MET G 45 52.81 7.36 28.90
CA MET G 45 52.37 6.16 29.58
C MET G 45 51.41 6.58 30.68
N ALA G 46 50.41 5.74 30.93
CA ALA G 46 49.41 6.01 31.95
C ALA G 46 48.67 4.73 32.30
N HIS G 47 47.79 4.84 33.30
CA HIS G 47 46.97 3.75 33.78
C HIS G 47 45.53 3.93 33.28
N LYS G 48 44.96 2.90 32.66
CA LYS G 48 43.62 2.97 32.09
C LYS G 48 42.56 3.27 33.15
N VAL G 49 42.60 2.60 34.33
CA VAL G 49 41.65 2.90 35.39
C VAL G 49 41.73 4.38 35.73
N VAL G 50 42.95 4.95 35.77
CA VAL G 50 43.07 6.30 36.30
C VAL G 50 42.45 7.24 35.27
N LEU G 51 42.78 7.02 34.00
CA LEU G 51 42.22 7.88 32.96
C LEU G 51 40.70 7.71 32.91
N ALA G 52 40.22 6.47 33.08
CA ALA G 52 38.78 6.19 33.08
C ALA G 52 38.08 6.92 34.22
N SER G 53 38.77 7.12 35.36
CA SER G 53 38.18 7.73 36.55
C SER G 53 37.88 9.21 36.36
N SER G 54 38.50 9.84 35.34
CA SER G 54 38.48 11.29 35.19
C SER G 54 37.87 11.68 33.85
N SER G 55 37.64 10.69 32.98
CA SER G 55 37.15 10.98 31.63
C SER G 55 36.16 9.93 31.16
N PRO G 56 34.87 10.28 30.94
CA PRO G 56 33.88 9.37 30.34
C PRO G 56 34.29 8.79 28.99
N VAL G 57 34.97 9.61 28.18
CA VAL G 57 35.49 9.16 26.90
C VAL G 57 36.49 8.03 27.09
N PHE G 58 37.52 8.26 27.94
CA PHE G 58 38.53 7.26 28.19
C PHE G 58 37.87 6.03 28.81
N LYS G 59 36.90 6.27 29.70
CA LYS G 59 36.17 5.18 30.33
C LYS G 59 35.53 4.32 29.25
N ALA G 60 34.75 4.97 28.37
CA ALA G 60 34.10 4.28 27.27
C ALA G 60 35.14 3.60 26.36
N MET G 61 36.20 4.31 26.00
CA MET G 61 37.25 3.78 25.14
C MET G 61 37.78 2.44 25.64
N PHE G 62 38.00 2.32 26.96
CA PHE G 62 38.78 1.22 27.51
C PHE G 62 37.90 0.09 28.06
N THR G 63 36.58 0.32 28.23
CA THR G 63 35.67 -0.67 28.79
C THR G 63 34.93 -1.44 27.69
N ASN G 64 34.89 -0.88 26.47
CA ASN G 64 34.07 -1.44 25.40
C ASN G 64 34.54 -2.85 25.06
N GLY G 65 35.86 -3.02 24.90
CA GLY G 65 36.44 -4.31 24.55
C GLY G 65 36.33 -5.30 25.72
N LEU G 66 37.01 -4.97 26.83
CA LEU G 66 37.09 -5.81 28.01
C LEU G 66 37.92 -7.05 27.67
N ARG G 67 39.07 -6.83 27.02
CA ARG G 67 39.79 -7.88 26.31
C ARG G 67 41.31 -7.66 26.38
N GLU G 68 41.74 -6.44 26.06
CA GLU G 68 43.15 -6.08 26.09
C GLU G 68 43.68 -6.27 27.52
N GLN G 69 44.71 -7.09 27.65
CA GLN G 69 45.32 -7.37 28.94
C GLN G 69 46.53 -6.47 29.16
N GLY G 70 47.44 -6.41 28.17
CA GLY G 70 48.75 -5.79 28.35
C GLY G 70 48.76 -4.33 27.91
N MET G 71 49.85 -3.95 27.22
CA MET G 71 50.06 -2.57 26.79
C MET G 71 49.35 -2.27 25.47
N GLU G 72 48.21 -1.58 25.56
CA GLU G 72 47.53 -1.05 24.39
C GLU G 72 48.24 0.23 23.98
N VAL G 73 48.44 0.44 22.67
CA VAL G 73 48.85 1.72 22.14
C VAL G 73 47.62 2.40 21.55
N VAL G 74 47.44 3.70 21.80
CA VAL G 74 46.29 4.42 21.28
C VAL G 74 46.81 5.64 20.54
N SER G 75 46.44 5.72 19.25
CA SER G 75 46.75 6.85 18.39
C SER G 75 45.76 7.97 18.70
N ILE G 76 46.29 9.19 18.83
CA ILE G 76 45.46 10.34 19.09
C ILE G 76 45.86 11.44 18.12
N GLU G 77 44.87 12.09 17.48
CA GLU G 77 45.13 13.14 16.52
C GLU G 77 44.34 14.39 16.90
N GLY G 78 44.86 15.56 16.47
CA GLY G 78 44.16 16.84 16.57
C GLY G 78 44.24 17.47 17.96
N ILE G 79 45.25 17.09 18.75
CA ILE G 79 45.54 17.72 20.04
C ILE G 79 47.05 17.78 20.20
N HIS G 80 47.55 18.91 20.68
CA HIS G 80 48.98 19.02 20.91
C HIS G 80 49.38 18.08 22.05
N PRO G 81 50.53 17.40 21.99
CA PRO G 81 51.04 16.69 23.17
C PRO G 81 50.99 17.43 24.51
N LYS G 82 51.35 18.71 24.52
CA LYS G 82 51.34 19.51 25.73
C LYS G 82 49.92 19.65 26.29
N VAL G 83 48.91 19.82 25.44
CA VAL G 83 47.54 19.84 25.92
C VAL G 83 47.22 18.49 26.57
N MET G 84 47.53 17.38 25.88
CA MET G 84 47.29 16.04 26.40
C MET G 84 48.06 15.86 27.73
N GLU G 85 49.27 16.39 27.80
CA GLU G 85 50.09 16.29 29.00
C GLU G 85 49.34 16.90 30.18
N ARG G 86 48.85 18.13 30.01
CA ARG G 86 48.08 18.82 31.02
C ARG G 86 46.80 18.09 31.40
N LEU G 87 46.07 17.51 30.44
CA LEU G 87 44.87 16.77 30.79
C LEU G 87 45.19 15.50 31.59
N ILE G 88 46.29 14.79 31.26
CA ILE G 88 46.76 13.67 32.07
C ILE G 88 47.18 14.14 33.48
N GLU G 89 47.96 15.23 33.56
CA GLU G 89 48.37 15.78 34.84
C GLU G 89 47.17 16.05 35.74
N PHE G 90 46.07 16.50 35.12
CA PHE G 90 44.87 16.89 35.85
C PHE G 90 44.25 15.62 36.38
N ALA G 91 44.17 14.60 35.52
CA ALA G 91 43.60 13.34 35.95
C ALA G 91 44.27 12.89 37.22
N TYR G 92 45.61 12.98 37.23
CA TYR G 92 46.44 12.38 38.24
C TYR G 92 46.67 13.31 39.42
N THR G 93 46.41 14.62 39.30
CA THR G 93 46.73 15.56 40.39
C THR G 93 45.57 16.46 40.81
N ALA G 94 44.51 16.59 40.01
CA ALA G 94 43.39 17.47 40.33
C ALA G 94 43.68 18.93 39.96
N SER G 95 44.84 19.20 39.35
CA SER G 95 45.19 20.57 39.05
C SER G 95 45.67 20.71 37.61
N ILE G 96 45.57 21.92 37.06
CA ILE G 96 45.97 22.20 35.70
C ILE G 96 46.36 23.66 35.67
N SER G 97 47.46 23.94 34.98
CA SER G 97 47.98 25.29 34.88
C SER G 97 48.43 25.53 33.45
N VAL G 98 47.94 26.58 32.80
CA VAL G 98 48.29 26.84 31.41
C VAL G 98 48.40 28.36 31.22
N GLY G 99 49.11 28.77 30.17
CA GLY G 99 49.15 30.17 29.80
C GLY G 99 47.78 30.63 29.32
N GLU G 100 47.40 31.88 29.67
CA GLU G 100 46.10 32.45 29.37
C GLU G 100 45.76 32.39 27.88
N LYS G 101 46.76 32.57 27.01
CA LYS G 101 46.51 32.63 25.57
C LYS G 101 46.20 31.23 25.01
N CYS G 102 46.37 30.18 25.80
CA CYS G 102 46.17 28.84 25.28
C CYS G 102 44.96 28.17 25.92
N VAL G 103 44.17 28.93 26.68
CA VAL G 103 43.07 28.36 27.46
C VAL G 103 42.01 27.78 26.53
N LEU G 104 41.87 28.37 25.35
CA LEU G 104 40.92 27.88 24.37
C LEU G 104 41.29 26.46 23.95
N HIS G 105 42.58 26.22 23.74
CA HIS G 105 42.98 24.95 23.14
C HIS G 105 42.84 23.87 24.19
N VAL G 106 43.21 24.20 25.43
CA VAL G 106 43.04 23.30 26.56
C VAL G 106 41.56 22.94 26.72
N MET G 107 40.69 23.95 26.57
CA MET G 107 39.26 23.69 26.64
C MET G 107 38.86 22.66 25.59
N ASN G 108 39.34 22.86 24.35
CA ASN G 108 39.03 21.93 23.28
C ASN G 108 39.41 20.50 23.64
N GLY G 109 40.63 20.34 24.18
CA GLY G 109 41.11 19.04 24.58
C GLY G 109 40.17 18.44 25.63
N ALA G 110 39.84 19.26 26.63
CA ALA G 110 39.01 18.83 27.73
C ALA G 110 37.64 18.43 27.21
N VAL G 111 37.18 19.14 26.16
CA VAL G 111 35.89 18.90 25.56
C VAL G 111 35.94 17.52 24.92
N MET G 112 37.08 17.23 24.27
CA MET G 112 37.23 16.00 23.50
C MET G 112 37.19 14.78 24.41
N TYR G 113 37.65 14.95 25.67
CA TYR G 113 37.69 13.88 26.64
C TYR G 113 36.62 14.06 27.70
N GLN G 114 35.75 15.08 27.54
CA GLN G 114 34.63 15.35 28.44
C GLN G 114 35.10 15.44 29.88
N ILE G 115 36.16 16.23 30.11
CA ILE G 115 36.60 16.52 31.45
C ILE G 115 35.88 17.82 31.85
N ASP G 116 34.62 17.61 32.23
CA ASP G 116 33.62 18.65 32.24
C ASP G 116 34.09 19.80 33.14
N SER G 117 34.73 19.45 34.25
CA SER G 117 35.13 20.45 35.24
C SER G 117 36.10 21.45 34.61
N VAL G 118 37.09 20.96 33.83
CA VAL G 118 38.11 21.83 33.24
C VAL G 118 37.54 22.52 32.00
N VAL G 119 36.54 21.90 31.34
CA VAL G 119 35.80 22.56 30.26
C VAL G 119 35.14 23.82 30.82
N ARG G 120 34.46 23.68 31.98
CA ARG G 120 33.72 24.78 32.59
C ARG G 120 34.66 25.87 33.10
N ALA G 121 35.74 25.49 33.79
CA ALA G 121 36.63 26.51 34.34
C ALA G 121 37.27 27.30 33.19
N CYS G 122 37.66 26.63 32.10
CA CYS G 122 38.24 27.34 30.96
C CYS G 122 37.25 28.32 30.31
N ALA G 123 36.04 27.83 30.07
CA ALA G 123 34.99 28.62 29.50
C ALA G 123 34.72 29.84 30.38
N ASP G 124 34.56 29.67 31.71
CA ASP G 124 34.35 30.81 32.61
C ASP G 124 35.46 31.84 32.46
N PHE G 125 36.73 31.40 32.47
CA PHE G 125 37.85 32.30 32.33
C PHE G 125 37.79 33.08 31.01
N LEU G 126 37.46 32.42 29.88
CA LEU G 126 37.42 33.12 28.60
C LEU G 126 36.37 34.23 28.62
N VAL G 127 35.26 34.00 29.33
CA VAL G 127 34.10 34.88 29.30
C VAL G 127 34.31 36.13 30.15
N GLN G 128 35.31 36.08 31.04
CA GLN G 128 35.63 37.21 31.89
C GLN G 128 36.78 38.02 31.28
N GLN G 129 36.80 38.10 29.95
CA GLN G 129 37.69 38.99 29.21
C GLN G 129 36.90 39.59 28.03
N ARG H 1 48.92 36.09 34.07
CA ARG H 1 49.40 35.44 32.81
C ARG H 1 49.21 33.92 32.85
N THR H 2 48.93 33.35 34.03
CA THR H 2 48.63 31.92 34.14
C THR H 2 47.19 31.71 34.65
N PHE H 3 46.48 30.82 33.94
CA PHE H 3 45.21 30.28 34.39
C PHE H 3 45.46 28.97 35.14
N SER H 4 44.96 28.92 36.39
CA SER H 4 45.11 27.79 37.28
C SER H 4 43.73 27.38 37.79
N TYR H 5 43.53 26.08 37.94
CA TYR H 5 42.27 25.53 38.36
C TYR H 5 42.54 24.19 39.04
N THR H 6 41.88 23.97 40.18
CA THR H 6 41.93 22.67 40.80
C THR H 6 40.49 22.36 41.21
N LEU H 7 40.11 21.08 41.07
CA LEU H 7 38.79 20.60 41.41
C LEU H 7 38.93 19.88 42.75
N GLU H 8 38.42 20.54 43.81
CA GLU H 8 38.66 20.13 45.18
C GLU H 8 38.17 18.71 45.46
N ASP H 9 37.21 18.23 44.67
CA ASP H 9 36.53 17.00 44.96
C ASP H 9 37.08 15.86 44.11
N HIS H 10 38.06 16.18 43.26
CA HIS H 10 38.41 15.32 42.13
C HIS H 10 38.83 13.90 42.52
N THR H 11 39.65 13.76 43.58
CA THR H 11 40.17 12.43 43.87
C THR H 11 39.10 11.56 44.54
N LYS H 12 38.09 12.20 45.16
CA LYS H 12 36.98 11.45 45.75
C LYS H 12 36.10 10.93 44.62
N GLN H 13 35.68 11.84 43.72
CA GLN H 13 34.90 11.48 42.55
C GLN H 13 35.62 10.35 41.82
N ALA H 14 36.92 10.56 41.53
CA ALA H 14 37.71 9.60 40.76
C ALA H 14 37.75 8.22 41.42
N PHE H 15 37.83 8.18 42.76
CA PHE H 15 37.83 6.89 43.47
C PHE H 15 36.45 6.24 43.41
N GLY H 16 35.40 7.06 43.53
CA GLY H 16 34.03 6.59 43.30
C GLY H 16 33.90 5.77 42.01
N VAL H 17 34.40 6.33 40.91
CA VAL H 17 34.37 5.62 39.63
C VAL H 17 35.21 4.35 39.70
N MET H 18 36.41 4.42 40.31
CA MET H 18 37.32 3.29 40.24
C MET H 18 36.70 2.15 41.04
N ASN H 19 35.95 2.51 42.07
CA ASN H 19 35.27 1.50 42.87
C ASN H 19 34.15 0.87 42.02
N GLU H 20 33.32 1.72 41.36
CA GLU H 20 32.32 1.21 40.43
C GLU H 20 32.98 0.20 39.49
N LEU H 21 34.14 0.57 38.94
CA LEU H 21 34.80 -0.31 37.99
C LEU H 21 35.20 -1.63 38.65
N ARG H 22 35.48 -1.61 39.96
CA ARG H 22 35.88 -2.81 40.66
C ARG H 22 34.67 -3.74 40.83
N LEU H 23 33.54 -3.17 41.23
CA LEU H 23 32.34 -3.96 41.47
C LEU H 23 31.81 -4.47 40.13
N SER H 24 31.93 -3.65 39.07
CA SER H 24 31.55 -4.05 37.71
C SER H 24 32.56 -5.03 37.10
N GLN H 25 33.69 -5.26 37.78
CA GLN H 25 34.74 -6.16 37.33
C GLN H 25 35.33 -5.75 35.99
N GLN H 26 35.52 -4.42 35.78
CA GLN H 26 36.10 -3.88 34.56
C GLN H 26 37.51 -3.31 34.77
N LEU H 27 38.42 -3.63 33.84
CA LEU H 27 39.81 -3.13 33.76
C LEU H 27 40.69 -3.80 34.79
N CYS H 28 40.14 -4.69 35.63
CA CYS H 28 40.92 -5.35 36.66
C CYS H 28 42.09 -6.08 36.01
N ASP H 29 43.22 -6.20 36.72
CA ASP H 29 44.39 -6.92 36.23
C ASP H 29 45.01 -7.74 37.35
N VAL H 30 44.32 -7.89 38.50
CA VAL H 30 44.81 -8.79 39.53
C VAL H 30 43.59 -9.48 40.14
N THR H 31 43.76 -10.78 40.40
CA THR H 31 42.82 -11.52 41.20
C THR H 31 43.54 -12.04 42.45
N LEU H 32 43.01 -11.69 43.61
CA LEU H 32 43.54 -12.22 44.85
C LEU H 32 42.76 -13.49 45.22
N GLN H 33 43.51 -14.58 45.42
CA GLN H 33 42.92 -15.85 45.78
C GLN H 33 43.23 -16.15 47.24
N VAL H 34 42.20 -16.08 48.09
CA VAL H 34 42.37 -16.00 49.53
C VAL H 34 41.95 -17.33 50.18
N LYS H 35 42.96 -18.16 50.51
CA LYS H 35 42.74 -19.49 51.04
C LYS H 35 42.68 -19.46 52.57
N TYR H 36 41.60 -20.01 53.15
CA TYR H 36 41.46 -20.09 54.60
C TYR H 36 41.07 -21.52 54.98
N GLU H 37 41.51 -21.95 56.17
CA GLU H 37 41.30 -23.29 56.68
C GLU H 37 39.80 -23.63 56.73
N ASP H 38 39.43 -24.75 56.10
CA ASP H 38 38.10 -25.35 56.18
C ASP H 38 37.04 -24.45 55.54
N ILE H 39 37.44 -23.70 54.51
CA ILE H 39 36.56 -22.84 53.72
C ILE H 39 37.08 -22.85 52.28
N PRO H 40 36.21 -22.76 51.24
CA PRO H 40 36.69 -22.64 49.86
C PRO H 40 37.35 -21.27 49.60
N ALA H 41 38.37 -21.27 48.73
CA ALA H 41 39.09 -20.06 48.35
C ALA H 41 38.11 -19.05 47.75
N ALA H 42 38.19 -17.78 48.20
CA ALA H 42 37.44 -16.70 47.58
C ALA H 42 38.34 -15.99 46.57
N GLN H 43 37.72 -15.18 45.68
CA GLN H 43 38.45 -14.44 44.68
C GLN H 43 37.97 -12.99 44.67
N PHE H 44 38.95 -12.07 44.67
CA PHE H 44 38.67 -10.64 44.61
C PHE H 44 39.44 -10.08 43.44
N MET H 45 38.72 -9.34 42.59
CA MET H 45 39.31 -8.73 41.42
C MET H 45 39.60 -7.28 41.80
N ALA H 46 40.73 -6.76 41.33
CA ALA H 46 41.09 -5.39 41.63
C ALA H 46 42.10 -4.90 40.60
N HIS H 47 42.44 -3.62 40.74
CA HIS H 47 43.43 -2.96 39.91
C HIS H 47 44.74 -2.82 40.70
N LYS H 48 45.85 -3.28 40.10
CA LYS H 48 47.15 -3.23 40.75
C LYS H 48 47.52 -1.81 41.18
N VAL H 49 47.40 -0.83 40.27
CA VAL H 49 47.70 0.56 40.60
C VAL H 49 47.00 1.01 41.87
N VAL H 50 45.74 0.61 42.03
CA VAL H 50 44.92 1.14 43.13
C VAL H 50 45.43 0.51 44.42
N LEU H 51 45.67 -0.81 44.39
CA LEU H 51 46.17 -1.52 45.56
C LEU H 51 47.55 -0.96 45.92
N ALA H 52 48.40 -0.76 44.90
CA ALA H 52 49.72 -0.16 45.05
C ALA H 52 49.65 1.21 45.70
N SER H 53 48.57 1.96 45.39
CA SER H 53 48.47 3.36 45.79
C SER H 53 48.24 3.49 47.29
N SER H 54 47.92 2.37 47.97
CA SER H 54 47.41 2.36 49.33
C SER H 54 48.24 1.46 50.26
N SER H 55 49.04 0.56 49.68
CA SER H 55 49.71 -0.51 50.40
C SER H 55 51.13 -0.68 49.83
N PRO H 56 52.18 -0.28 50.57
CA PRO H 56 53.58 -0.52 50.16
C PRO H 56 53.94 -1.98 49.85
N VAL H 57 53.22 -2.93 50.48
CA VAL H 57 53.43 -4.35 50.26
C VAL H 57 52.93 -4.71 48.87
N PHE H 58 51.73 -4.25 48.49
CA PHE H 58 51.21 -4.52 47.15
C PHE H 58 52.04 -3.79 46.12
N LYS H 59 52.45 -2.55 46.44
CA LYS H 59 53.29 -1.76 45.58
C LYS H 59 54.55 -2.55 45.27
N ALA H 60 55.28 -2.98 46.31
CA ALA H 60 56.46 -3.82 46.14
C ALA H 60 56.15 -5.12 45.37
N MET H 61 55.03 -5.78 45.67
CA MET H 61 54.63 -7.03 45.03
C MET H 61 54.45 -6.90 43.50
N PHE H 62 53.98 -5.73 43.01
CA PHE H 62 53.58 -5.59 41.62
C PHE H 62 54.58 -4.78 40.81
N THR H 63 55.64 -4.25 41.42
CA THR H 63 56.69 -3.54 40.71
C THR H 63 57.98 -4.36 40.69
N ASN H 64 57.95 -5.53 41.35
CA ASN H 64 59.10 -6.41 41.47
C ASN H 64 58.82 -7.68 40.67
N GLY H 65 59.87 -8.17 40.00
CA GLY H 65 59.75 -9.17 38.96
C GLY H 65 59.76 -8.51 37.58
N LEU H 66 59.44 -9.30 36.54
CA LEU H 66 59.67 -8.88 35.18
C LEU H 66 58.62 -7.82 34.76
N ARG H 67 57.39 -8.28 34.49
CA ARG H 67 56.30 -7.40 34.09
C ARG H 67 54.96 -8.04 34.46
N GLU H 68 54.83 -9.36 34.26
CA GLU H 68 53.72 -10.15 34.78
C GLU H 68 52.41 -9.72 34.12
N GLN H 69 52.42 -9.45 32.80
CA GLN H 69 51.36 -8.70 32.13
C GLN H 69 50.16 -9.59 31.84
N GLY H 70 48.97 -8.97 31.87
CA GLY H 70 47.72 -9.70 31.86
C GLY H 70 47.21 -9.96 33.28
N MET H 71 46.15 -10.78 33.40
CA MET H 71 45.52 -11.04 34.69
C MET H 71 46.47 -11.92 35.50
N GLU H 72 46.96 -11.38 36.63
CA GLU H 72 47.82 -12.14 37.52
C GLU H 72 46.97 -12.62 38.70
N VAL H 73 47.27 -13.86 39.11
CA VAL H 73 46.61 -14.49 40.24
C VAL H 73 47.63 -14.53 41.38
N VAL H 74 47.21 -14.05 42.56
CA VAL H 74 48.08 -14.02 43.73
C VAL H 74 47.47 -14.87 44.85
N SER H 75 48.25 -15.86 45.33
CA SER H 75 47.89 -16.72 46.43
C SER H 75 48.13 -15.95 47.73
N ILE H 76 47.09 -15.90 48.57
CA ILE H 76 47.17 -15.24 49.85
C ILE H 76 46.71 -16.20 50.94
N GLU H 77 47.51 -16.27 52.02
CA GLU H 77 47.28 -17.19 53.13
C GLU H 77 47.25 -16.40 54.44
N GLY H 78 46.60 -16.98 55.46
CA GLY H 78 46.59 -16.43 56.80
C GLY H 78 45.71 -15.20 56.98
N ILE H 79 44.75 -14.98 56.08
CA ILE H 79 43.82 -13.86 56.24
C ILE H 79 42.44 -14.30 55.73
N HIS H 80 41.40 -14.11 56.55
CA HIS H 80 40.05 -14.50 56.16
C HIS H 80 39.56 -13.57 55.05
N PRO H 81 38.95 -14.14 54.00
CA PRO H 81 38.43 -13.34 52.88
C PRO H 81 37.77 -12.02 53.25
N LYS H 82 37.01 -12.02 54.35
CA LYS H 82 36.22 -10.86 54.73
C LYS H 82 37.13 -9.79 55.33
N VAL H 83 38.33 -10.20 55.80
CA VAL H 83 39.32 -9.23 56.26
C VAL H 83 39.88 -8.52 55.03
N MET H 84 40.29 -9.34 54.04
CA MET H 84 40.84 -8.84 52.78
C MET H 84 39.82 -7.94 52.09
N GLU H 85 38.56 -8.34 52.16
CA GLU H 85 37.48 -7.62 51.50
C GLU H 85 37.41 -6.21 52.10
N ARG H 86 37.60 -6.09 53.42
CA ARG H 86 37.50 -4.79 54.05
C ARG H 86 38.73 -3.93 53.76
N LEU H 87 39.90 -4.56 53.52
CA LEU H 87 41.13 -3.83 53.25
C LEU H 87 41.08 -3.26 51.84
N ILE H 88 40.57 -4.07 50.90
CA ILE H 88 40.34 -3.64 49.53
C ILE H 88 39.32 -2.49 49.50
N GLU H 89 38.19 -2.65 50.18
CA GLU H 89 37.20 -1.58 50.23
C GLU H 89 37.86 -0.32 50.78
N PHE H 90 38.75 -0.51 51.78
CA PHE H 90 39.37 0.64 52.41
C PHE H 90 40.21 1.35 51.36
N ALA H 91 41.05 0.59 50.65
CA ALA H 91 41.82 1.12 49.54
C ALA H 91 40.98 1.98 48.59
N TYR H 92 39.77 1.50 48.27
CA TYR H 92 38.95 2.09 47.21
C TYR H 92 38.00 3.17 47.73
N THR H 93 37.71 3.25 49.04
CA THR H 93 36.69 4.18 49.51
C THR H 93 37.18 5.10 50.62
N ALA H 94 38.28 4.74 51.29
CA ALA H 94 38.88 5.49 52.38
C ALA H 94 38.22 5.15 53.73
N SER H 95 37.37 4.10 53.75
CA SER H 95 36.56 3.80 54.93
C SER H 95 36.52 2.29 55.18
N ILE H 96 36.38 1.96 56.47
CA ILE H 96 36.32 0.58 56.88
C ILE H 96 35.33 0.51 58.03
N SER H 97 34.54 -0.56 58.06
CA SER H 97 33.55 -0.74 59.11
C SER H 97 33.70 -2.17 59.61
N VAL H 98 33.95 -2.33 60.91
CA VAL H 98 34.18 -3.64 61.47
C VAL H 98 33.44 -3.81 62.79
N GLY H 99 33.00 -5.05 63.07
CA GLY H 99 32.44 -5.42 64.36
C GLY H 99 33.52 -5.48 65.44
N GLU H 100 33.20 -4.91 66.61
CA GLU H 100 34.21 -4.58 67.61
C GLU H 100 34.97 -5.81 68.10
N LYS H 101 34.41 -7.02 67.97
CA LYS H 101 35.08 -8.20 68.47
C LYS H 101 36.14 -8.70 67.48
N CYS H 102 36.12 -8.20 66.23
CA CYS H 102 37.04 -8.73 65.23
C CYS H 102 38.16 -7.73 64.90
N VAL H 103 38.17 -6.58 65.58
CA VAL H 103 39.07 -5.48 65.26
C VAL H 103 40.50 -5.99 65.26
N LEU H 104 40.79 -6.96 66.12
CA LEU H 104 42.15 -7.45 66.28
C LEU H 104 42.63 -8.11 64.98
N HIS H 105 41.72 -8.82 64.32
CA HIS H 105 42.09 -9.56 63.12
C HIS H 105 42.20 -8.65 61.90
N VAL H 106 41.49 -7.53 61.93
CA VAL H 106 41.53 -6.61 60.81
C VAL H 106 42.84 -5.85 60.90
N MET H 107 43.21 -5.44 62.12
CA MET H 107 44.46 -4.75 62.37
C MET H 107 45.63 -5.61 61.89
N ASN H 108 45.61 -6.90 62.23
CA ASN H 108 46.64 -7.84 61.82
C ASN H 108 46.78 -7.85 60.30
N GLY H 109 45.62 -7.93 59.61
CA GLY H 109 45.57 -7.84 58.16
C GLY H 109 46.22 -6.55 57.66
N ALA H 110 45.76 -5.40 58.18
CA ALA H 110 46.33 -4.11 57.78
C ALA H 110 47.84 -4.09 58.06
N VAL H 111 48.29 -4.67 59.17
CA VAL H 111 49.71 -4.78 59.44
C VAL H 111 50.42 -5.50 58.30
N MET H 112 49.85 -6.64 57.88
CA MET H 112 50.46 -7.49 56.88
C MET H 112 50.63 -6.72 55.55
N TYR H 113 49.72 -5.79 55.25
CA TYR H 113 49.74 -5.06 54.00
C TYR H 113 50.19 -3.63 54.23
N GLN H 114 50.62 -3.34 55.48
CA GLN H 114 51.21 -2.06 55.81
C GLN H 114 50.28 -0.90 55.45
N ILE H 115 49.00 -1.01 55.81
CA ILE H 115 48.07 0.08 55.61
C ILE H 115 48.03 0.84 56.93
N ASP H 116 48.95 1.80 57.04
CA ASP H 116 49.37 2.32 58.34
C ASP H 116 48.20 2.99 59.06
N SER H 117 47.36 3.75 58.34
CA SER H 117 46.28 4.51 58.93
C SER H 117 45.29 3.60 59.64
N VAL H 118 44.96 2.44 59.03
CA VAL H 118 43.99 1.54 59.64
C VAL H 118 44.63 0.76 60.80
N VAL H 119 45.95 0.49 60.74
CA VAL H 119 46.70 -0.14 61.83
C VAL H 119 46.55 0.77 63.05
N ARG H 120 46.84 2.08 62.89
CA ARG H 120 46.76 3.07 63.95
C ARG H 120 45.36 3.10 64.56
N ALA H 121 44.32 3.15 63.70
CA ALA H 121 42.98 3.39 64.21
C ALA H 121 42.49 2.16 64.94
N CYS H 122 42.82 0.98 64.40
CA CYS H 122 42.46 -0.26 65.06
C CYS H 122 43.10 -0.29 66.45
N ALA H 123 44.39 0.03 66.52
CA ALA H 123 45.11 -0.08 67.78
C ALA H 123 44.57 0.91 68.81
N ASP H 124 44.29 2.16 68.39
CA ASP H 124 43.72 3.18 69.27
C ASP H 124 42.36 2.72 69.79
N PHE H 125 41.60 2.03 68.93
CA PHE H 125 40.29 1.53 69.31
C PHE H 125 40.39 0.45 70.39
N LEU H 126 41.29 -0.52 70.21
CA LEU H 126 41.46 -1.63 71.14
C LEU H 126 41.91 -1.17 72.52
N VAL H 127 42.66 -0.07 72.58
CA VAL H 127 43.29 0.41 73.80
C VAL H 127 42.28 1.15 74.68
N GLN H 128 41.21 1.69 74.06
CA GLN H 128 40.23 2.50 74.78
C GLN H 128 39.09 1.63 75.31
N GLN H 129 39.10 0.33 74.98
CA GLN H 129 38.15 -0.65 75.49
C GLN H 129 38.58 -1.19 76.85
N LEU H 130 39.88 -1.06 77.19
CA LEU H 130 40.41 -1.61 78.44
C LEU H 130 39.96 -0.72 79.61
C1 SXJ I . -5.95 -12.98 11.08
C2 SXJ I . -5.82 -13.04 12.60
C3 SXJ I . -6.87 -13.93 13.33
C4 SXJ I . -6.61 -11.70 12.81
C5 SXJ I . -6.76 -11.15 14.25
C6 SXJ I . -5.46 -10.85 15.00
C7 SXJ I . -4.89 -9.49 14.58
C8 SXJ I . -3.46 -9.31 15.10
C9 SXJ I . -2.47 -10.43 14.73
C10 SXJ I . -2.24 -10.24 13.21
C11 SXJ I . -3.05 -11.82 15.14
C13 SXJ I . -4.52 -12.04 14.70
C15 SXJ I . -4.58 -12.37 13.19
C16 SXJ I . -2.07 -12.92 14.71
O17 SXJ I . -2.43 -14.09 14.61
C18 SXJ I . -0.61 -12.61 14.52
C19 SXJ I . -0.12 -11.36 14.85
C20 SXJ I . -1.06 -10.30 15.41
C21 SXJ I . -1.11 -10.62 16.92
C22 SXJ I . -0.58 -8.84 15.27
C23 SXJ I . 0.91 -8.73 15.51
C24 SXJ I . 1.68 -9.62 14.53
C26 SXJ I . 3.22 -9.29 14.48
C27 SXJ I . 3.33 -7.90 13.87
C28 SXJ I . 4.00 -9.24 15.82
C29 SXJ I . 3.96 -10.30 13.64
O30 SXJ I . 5.27 -10.08 13.38
C31 SXJ I . 3.37 -11.42 13.16
C32 SXJ I . 1.91 -11.80 13.43
C33 SXJ I . 1.39 -11.11 14.70
C34 SXJ I . 2.05 -11.74 15.92
C35 SXJ I . 4.11 -12.16 12.43
N36 SXJ I . 4.83 -12.77 11.78
C37 SXJ I . -5.85 -10.68 16.48
O38 SXJ I . -5.33 -11.37 17.38
CA CA J . -2.54 11.71 5.26
C1 SXJ K . 29.05 43.39 26.87
C2 SXJ K . 29.09 41.93 27.33
C3 SXJ K . 30.51 41.33 27.38
C4 SXJ K . 28.48 41.83 28.72
C5 SXJ K . 27.78 40.49 28.95
C6 SXJ K . 26.59 40.27 27.99
C7 SXJ K . 26.46 38.78 27.64
C8 SXJ K . 25.48 38.50 26.51
C9 SXJ K . 25.74 39.23 25.19
C10 SXJ K . 27.05 38.69 24.64
C11 SXJ K . 25.81 40.74 25.51
C13 SXJ K . 26.76 41.10 26.70
C15 SXJ K . 28.25 41.08 26.35
C16 SXJ K . 26.03 41.51 24.22
O17 SXJ K . 26.52 42.63 24.26
C18 SXJ K . 25.62 40.93 22.91
C19 SXJ K . 24.96 39.74 22.82
C20 SXJ K . 24.64 39.02 24.14
C21 SXJ K . 23.32 39.69 24.59
C22 SXJ K . 24.33 37.52 23.96
C23 SXJ K . 23.47 37.24 22.74
C24 SXJ K . 24.24 37.65 21.49
C26 SXJ K . 23.62 37.08 20.18
C27 SXJ K . 23.75 35.57 20.22
C28 SXJ K . 22.11 37.40 20.02
C29 SXJ K . 24.35 37.65 18.97
O30 SXJ K . 24.05 37.17 17.74
C31 SXJ K . 25.22 38.67 19.08
C32 SXJ K . 25.54 39.39 20.37
C33 SXJ K . 24.50 39.19 21.45
C34 SXJ K . 23.31 40.06 21.01
C35 SXJ K . 25.77 39.17 18.07
N36 SXJ K . 26.25 39.72 17.17
C37 SXJ K . 25.34 40.62 28.79
O38 SXJ K . 24.45 41.16 28.16
C1 SXJ L . -17.24 -3.05 12.74
C2 SXJ L . -16.34 -2.95 11.48
C3 SXJ L . -15.32 -1.81 11.68
C4 SXJ L . -15.55 -4.28 11.28
C5 SXJ L . -16.42 -5.46 10.80
C6 SXJ L . -17.31 -5.20 9.54
C7 SXJ L . -16.48 -5.33 8.26
C8 SXJ L . -17.31 -5.13 6.98
C9 SXJ L . -17.95 -3.76 6.99
C10 SXJ L . -16.85 -2.73 6.81
C11 SXJ L . -18.71 -3.48 8.30
C13 SXJ L . -18.03 -3.83 9.62
C15 SXJ L . -17.18 -2.66 10.20
C16 SXJ L . -19.24 -2.07 8.20
O17 SXJ L . -19.49 -1.39 9.17
C18 SXJ L . -19.55 -1.49 6.89
C19 SXJ L . -19.45 -2.19 5.74
C20 SXJ L . -18.97 -3.65 5.83
C21 SXJ L . -20.23 -4.49 6.10
C22 SXJ L . -18.37 -4.16 4.53
C23 SXJ L . -19.11 -3.58 3.33
C24 SXJ L . -19.07 -2.07 3.29
C26 SXJ L . -19.41 -1.44 1.89
C27 SXJ L . -18.22 -1.71 0.92
C28 SXJ L . -20.73 -1.96 1.30
C29 SXJ L . -19.61 0.07 2.01
O30 SXJ L . -19.60 0.72 0.86
C31 SXJ L . -19.73 0.72 3.19
C32 SXJ L . -19.55 0.02 4.52
C33 SXJ L . -19.87 -1.49 4.44
C34 SXJ L . -21.39 -1.63 4.31
C35 SXJ L . -19.87 2.00 3.27
N36 SXJ L . -19.83 3.17 3.41
C37 SXJ L . -18.25 -6.39 9.45
O38 SXJ L . -19.48 -6.27 9.44
CA CA M . 1.33 -9.52 -7.09
C1 SXJ N . -6.14 -25.57 -51.68
C2 SXJ N . -7.14 -25.13 -50.63
C3 SXJ N . -7.97 -24.07 -51.30
C4 SXJ N . -7.97 -26.35 -50.27
C5 SXJ N . -8.50 -26.35 -48.86
C6 SXJ N . -7.42 -26.17 -47.79
C7 SXJ N . -8.00 -25.17 -46.76
C8 SXJ N . -7.04 -24.71 -45.68
C9 SXJ N . -5.74 -24.10 -46.18
C10 SXJ N . -6.05 -22.76 -46.89
C11 SXJ N . -5.14 -25.15 -47.13
C13 SXJ N . -6.08 -25.63 -48.29
C15 SXJ N . -6.42 -24.58 -49.38
C16 SXJ N . -3.84 -24.59 -47.59
O17 SXJ N . -3.45 -24.98 -48.67
C18 SXJ N . -3.07 -23.57 -46.78
C19 SXJ N . -3.50 -23.13 -45.56
C20 SXJ N . -4.75 -23.80 -45.03
C21 SXJ N . -4.28 -25.11 -44.36
C22 SXJ N . -5.40 -22.92 -43.96
C23 SXJ N . -4.39 -22.44 -42.96
C24 SXJ N . -3.57 -21.39 -43.69
C26 SXJ N . -2.84 -20.39 -42.69
C27 SXJ N . -3.86 -19.35 -42.16
C28 SXJ N . -2.19 -21.12 -41.51
C29 SXJ N . -1.81 -19.57 -43.44
O30 SXJ N . -1.31 -18.45 -42.83
C31 SXJ N . -1.45 -19.90 -44.73
C32 SXJ N . -2.18 -20.94 -45.61
C33 SXJ N . -2.71 -22.08 -44.75
C34 SXJ N . -1.54 -22.87 -44.16
C35 SXJ N . -0.49 -19.24 -45.22
N36 SXJ N . 0.36 -18.58 -45.64
C37 SXJ N . -7.24 -27.52 -47.13
O38 SXJ N . -6.14 -27.83 -46.72
C1 SXJ O . -12.94 -3.44 -60.35
C2 SXJ O . -13.38 -3.10 -58.93
C3 SXJ O . -12.51 -3.86 -57.95
C4 SXJ O . -13.18 -1.63 -58.57
C5 SXJ O . -14.24 -1.14 -57.59
C6 SXJ O . -15.69 -1.27 -58.13
C7 SXJ O . -16.66 -1.81 -57.05
C8 SXJ O . -18.09 -2.10 -57.55
C9 SXJ O . -18.15 -3.06 -58.75
C10 SXJ O . -17.74 -4.48 -58.27
C11 SXJ O . -17.18 -2.53 -59.83
C13 SXJ O . -15.74 -2.22 -59.32
C15 SXJ O . -14.88 -3.41 -58.89
C16 SXJ O . -17.24 -3.51 -60.96
O17 SXJ O . -16.28 -3.77 -61.62
C18 SXJ O . -18.47 -4.25 -61.28
C19 SXJ O . -19.58 -4.12 -60.53
C20 SXJ O . -19.57 -3.10 -59.39
C21 SXJ O . -19.96 -1.73 -59.99
C22 SXJ O . -20.60 -3.41 -58.34
C23 SXJ O . -21.88 -4.01 -58.91
C24 SXJ O . -21.57 -5.32 -59.59
C26 SXJ O . -22.83 -6.19 -59.84
C27 SXJ O . -23.27 -6.77 -58.47
C28 SXJ O . -23.99 -5.50 -60.58
C29 SXJ O . -22.48 -7.34 -60.74
O30 SXJ O . -23.45 -8.22 -60.96
C31 SXJ O . -21.28 -7.45 -61.31
C32 SXJ O . -20.18 -6.42 -61.22
C33 SXJ O . -20.74 -5.05 -60.86
C34 SXJ O . -21.47 -4.41 -62.06
C35 SXJ O . -20.94 -8.49 -61.94
N36 SXJ O . -20.56 -9.43 -62.47
C37 SXJ O . -16.19 0.13 -58.46
O38 SXJ O . -16.65 0.38 -59.58
C1 SXJ P . -71.54 -8.57 -24.78
C2 SXJ P . -70.98 -8.85 -26.17
C3 SXJ P . -71.81 -9.96 -26.84
C4 SXJ P . -71.03 -7.61 -27.09
C5 SXJ P . -70.05 -6.52 -26.71
C6 SXJ P . -68.63 -6.96 -26.34
C7 SXJ P . -67.72 -7.12 -27.61
C8 SXJ P . -66.29 -7.67 -27.35
C9 SXJ P . -66.23 -8.97 -26.53
C10 SXJ P . -66.68 -10.16 -27.42
C11 SXJ P . -67.15 -8.79 -25.27
C13 SXJ P . -68.60 -8.23 -25.47
C15 SXJ P . -69.53 -9.29 -26.07
C16 SXJ P . -67.06 -10.11 -24.51
O17 SXJ P . -68.05 -10.52 -23.92
C18 SXJ P . -65.79 -10.94 -24.50
C19 SXJ P . -64.74 -10.65 -25.30
C20 SXJ P . -64.81 -9.30 -26.02
C21 SXJ P . -64.42 -8.32 -24.93
C22 SXJ P . -63.81 -9.20 -27.19
C23 SXJ P . -62.50 -9.91 -26.95
C24 SXJ P . -62.78 -11.41 -26.77
C26 SXJ P . -61.46 -12.29 -26.91
C27 SXJ P . -61.11 -12.47 -28.38
C28 SXJ P . -60.19 -11.81 -26.21
C29 SXJ P . -61.70 -13.66 -26.35
O30 SXJ P . -60.69 -14.52 -26.55
C31 SXJ P . -62.88 -14.03 -25.73
C32 SXJ P . -64.09 -13.10 -25.57
C33 SXJ P . -63.58 -11.67 -25.46
C34 SXJ P . -62.71 -11.58 -24.17
C35 SXJ P . -63.00 -15.24 -25.36
N36 SXJ P . -63.12 -16.37 -25.09
C37 SXJ P . -68.15 -5.78 -25.56
O38 SXJ P . -67.29 -5.86 -24.71
C1 SXJ Q . 48.79 28.00 15.76
C2 SXJ Q . 47.67 27.75 16.77
C3 SXJ Q . 46.77 29.00 16.87
C4 SXJ Q . 46.82 26.57 16.32
C5 SXJ Q . 47.57 25.24 16.43
C6 SXJ Q . 48.35 24.99 17.76
C7 SXJ Q . 47.35 24.49 18.82
C8 SXJ Q . 47.92 24.23 20.21
C9 SXJ Q . 48.83 25.35 20.77
C10 SXJ Q . 47.88 26.40 21.35
C11 SXJ Q . 49.74 25.95 19.66
C13 SXJ Q . 49.08 26.23 18.27
C15 SXJ Q . 48.18 27.43 18.19
C16 SXJ Q . 50.42 27.14 20.25
O17 SXJ Q . 50.66 28.09 19.54
C18 SXJ Q . 50.76 27.17 21.69
C19 SXJ Q . 50.43 26.14 22.51
C20 SXJ Q . 49.77 24.89 21.91
C21 SXJ Q . 50.91 23.97 21.43
C22 SXJ Q . 49.01 24.02 22.91
C23 SXJ Q . 49.78 23.96 24.23
C24 SXJ Q . 49.82 25.39 24.80
C26 SXJ Q . 50.07 25.42 26.31
C27 SXJ Q . 48.76 25.05 27.01
C28 SXJ Q . 51.20 24.47 26.72
C29 SXJ Q . 50.45 26.78 26.80
O30 SXJ Q . 50.71 26.90 28.11
C31 SXJ Q . 50.57 27.83 25.98
C32 SXJ Q . 50.41 27.72 24.47
C33 SXJ Q . 50.74 26.30 23.98
C34 SXJ Q . 52.21 25.98 24.13
C35 SXJ Q . 50.84 28.96 26.45
N36 SXJ Q . 51.14 29.99 26.86
C37 SXJ Q . 49.40 23.94 17.40
O38 SXJ Q . 50.62 24.14 17.36
C1 SXJ R . 37.40 -18.01 65.98
C2 SXJ R . 38.62 -17.21 65.51
C3 SXJ R . 39.43 -16.72 66.72
C4 SXJ R . 39.51 -18.10 64.62
C5 SXJ R . 40.26 -17.29 63.56
C6 SXJ R . 39.29 -16.58 62.57
C7 SXJ R . 39.87 -15.27 62.08
C8 SXJ R . 38.87 -14.46 61.25
C9 SXJ R . 37.59 -14.12 62.00
C10 SXJ R . 37.93 -13.16 63.15
C11 SXJ R . 36.97 -15.41 62.48
C13 SXJ R . 37.92 -16.35 63.25
C15 SXJ R . 38.19 -15.97 64.72
C16 SXJ R . 35.73 -15.06 63.26
O17 SXJ R . 35.34 -15.83 64.12
C18 SXJ R . 34.97 -13.81 62.99
C19 SXJ R . 35.33 -12.99 61.97
C20 SXJ R . 36.54 -13.41 61.11
C21 SXJ R . 36.01 -14.39 60.04
C22 SXJ R . 37.18 -12.24 60.35
C23 SXJ R . 36.13 -11.29 59.82
C24 SXJ R . 35.37 -10.68 61.00
C26 SXJ R . 34.64 -9.39 60.59
C27 SXJ R . 35.70 -8.30 60.56
C28 SXJ R . 33.90 -9.47 59.24
C29 SXJ R . 33.66 -8.93 61.63
O30 SXJ R . 33.09 -7.70 61.47
C31 SXJ R . 33.34 -9.68 62.69
C32 SXJ R . 33.94 -11.06 62.97
C33 SXJ R . 34.48 -11.73 61.71
C34 SXJ R . 33.27 -12.22 60.89
C35 SXJ R . 32.55 -9.12 63.50
N36 SXJ R . 31.86 -8.50 64.19
C37 SXJ R . 39.18 -17.46 61.33
O38 SXJ R . 38.12 -17.48 60.72
#